data_3JR2
#
_entry.id   3JR2
#
_cell.length_a   82.305
_cell.length_b   95.711
_cell.length_c   125.577
_cell.angle_alpha   90.00
_cell.angle_beta   90.00
_cell.angle_gamma   90.00
#
_symmetry.space_group_name_H-M   'P 21 21 21'
#
loop_
_entity.id
_entity.type
_entity.pdbx_description
1 polymer 'Hexulose-6-phosphate synthase SgbH'
2 non-polymer 1,2-ETHANEDIOL
3 non-polymer GLYCEROL
4 non-polymer 'SULFATE ION'
5 non-polymer 'MAGNESIUM ION'
6 water water
#
_entity_poly.entity_id   1
_entity_poly.type   'polypeptide(L)'
_entity_poly.pdbx_seq_one_letter_code
;SNA(MSE)TKP(MSE)IQIALDQTNLTDAVAVASNVASYVDVIEVGTILAFAEG(MSE)KAVSTLRHNHPNHILVCD
(MSE)KTTDGGAILSR(MSE)AFEAGADWITVSAAAHIATIAACKKVADELNGEIQIEIYGNWT(MSE)QDAKAWVDLGI
TQAIYHRSRDAELAGIGWTTDDLDK(MSE)RQLSALGIELSITGGIVPEDIYLFEGIKTKTFIAGRALAGAEGQQTAAAL
REQIDRFWP
;
_entity_poly.pdbx_strand_id   A,B,C,D
#
loop_
_chem_comp.id
_chem_comp.type
_chem_comp.name
_chem_comp.formula
EDO non-polymer 1,2-ETHANEDIOL 'C2 H6 O2'
GOL non-polymer GLYCEROL 'C3 H8 O3'
MG non-polymer 'MAGNESIUM ION' 'Mg 2'
SO4 non-polymer 'SULFATE ION' 'O4 S -2'
#
# COMPACT_ATOMS: atom_id res chain seq x y z
N THR A 5 -10.06 -35.49 24.08
CA THR A 5 -8.60 -35.79 24.16
C THR A 5 -7.83 -34.66 24.91
N LYS A 6 -6.49 -34.65 24.89
CA LYS A 6 -5.79 -33.62 25.68
C LYS A 6 -5.80 -32.23 25.04
N PRO A 7 -5.63 -31.22 25.90
CA PRO A 7 -5.55 -29.84 25.46
C PRO A 7 -4.46 -29.64 24.45
N MSE A 8 -4.78 -28.90 23.38
CA MSE A 8 -3.78 -28.55 22.35
C MSE A 8 -3.14 -27.17 22.64
O MSE A 8 -3.65 -26.38 23.47
CB MSE A 8 -4.48 -28.54 20.97
CG MSE A 8 -4.86 -29.92 20.52
SE MSE A 8 -5.76 -29.78 18.78
CE MSE A 8 -7.35 -28.99 19.32
N ILE A 9 -2.08 -26.87 21.93
CA ILE A 9 -1.36 -25.60 22.07
C ILE A 9 -1.77 -24.68 20.90
N GLN A 10 -2.24 -23.47 21.24
CA GLN A 10 -2.72 -22.50 20.32
C GLN A 10 -1.94 -21.19 20.46
N ILE A 11 -1.48 -20.66 19.33
CA ILE A 11 -0.83 -19.38 19.31
C ILE A 11 -1.76 -18.36 18.72
N ALA A 12 -1.86 -17.25 19.41
CA ALA A 12 -2.65 -16.11 18.95
C ALA A 12 -1.74 -15.10 18.24
N LEU A 13 -1.90 -14.98 16.92
CA LEU A 13 -1.17 -14.02 16.11
C LEU A 13 -1.88 -12.67 16.20
N ASP A 14 -1.26 -11.73 16.90
CA ASP A 14 -1.83 -10.39 17.05
C ASP A 14 -0.93 -9.33 16.43
N GLN A 15 -0.12 -9.72 15.45
CA GLN A 15 0.76 -8.76 14.80
C GLN A 15 -0.07 -7.79 14.00
N THR A 16 0.47 -6.59 13.80
CA THR A 16 -0.29 -5.54 13.09
C THR A 16 -0.01 -5.51 11.58
N ASN A 17 0.71 -6.50 11.09
CA ASN A 17 0.94 -6.68 9.67
C ASN A 17 1.13 -8.11 9.35
N LEU A 18 0.82 -8.44 8.10
CA LEU A 18 0.79 -9.82 7.68
C LEU A 18 2.19 -10.37 7.55
N THR A 19 3.14 -9.55 7.12
CA THR A 19 4.52 -10.06 6.91
C THR A 19 5.04 -10.61 8.26
N ASP A 20 4.80 -9.87 9.32
CA ASP A 20 5.29 -10.35 10.64
C ASP A 20 4.55 -11.59 11.16
N ALA A 21 3.24 -11.64 10.90
CA ALA A 21 2.43 -12.79 11.29
C ALA A 21 2.86 -14.04 10.57
N VAL A 22 3.12 -13.92 9.28
CA VAL A 22 3.58 -15.03 8.46
C VAL A 22 4.95 -15.58 8.94
N ALA A 23 5.83 -14.68 9.33
CA ALA A 23 7.16 -15.03 9.89
C ALA A 23 7.04 -15.80 11.20
N VAL A 24 6.20 -15.31 12.11
CA VAL A 24 5.93 -15.99 13.37
C VAL A 24 5.32 -17.36 13.15
N ALA A 25 4.28 -17.43 12.33
CA ALA A 25 3.59 -18.68 12.09
C ALA A 25 4.57 -19.68 11.53
N SER A 26 5.42 -19.24 10.62
CA SER A 26 6.42 -20.12 10.00
C SER A 26 7.38 -20.63 11.06
N ASN A 27 7.81 -19.75 11.93
CA ASN A 27 8.73 -20.12 13.05
C ASN A 27 8.14 -21.07 14.10
N VAL A 28 6.86 -20.90 14.45
CA VAL A 28 6.22 -21.71 15.46
C VAL A 28 5.45 -22.96 14.96
N ALA A 29 5.21 -23.08 13.65
CA ALA A 29 4.34 -24.12 13.13
C ALA A 29 4.63 -25.55 13.63
N SER A 30 5.91 -25.91 13.73
CA SER A 30 6.24 -27.31 14.06
C SER A 30 5.88 -27.66 15.48
N TYR A 31 5.53 -26.69 16.32
CA TYR A 31 5.20 -27.02 17.71
C TYR A 31 3.90 -26.42 18.24
N VAL A 32 3.09 -25.81 17.37
N VAL A 32 3.08 -25.84 17.38
CA VAL A 32 1.75 -25.37 17.77
CA VAL A 32 1.77 -25.41 17.79
C VAL A 32 0.74 -26.22 16.99
C VAL A 32 0.74 -26.22 16.99
N ASP A 33 -0.39 -26.51 17.63
CA ASP A 33 -1.45 -27.28 17.01
C ASP A 33 -2.48 -26.41 16.31
N VAL A 34 -2.74 -25.24 16.89
CA VAL A 34 -3.74 -24.31 16.42
C VAL A 34 -3.10 -22.94 16.18
N ILE A 35 -3.33 -22.39 15.00
CA ILE A 35 -2.89 -21.04 14.65
C ILE A 35 -4.11 -20.11 14.56
N GLU A 36 -4.07 -19.04 15.31
CA GLU A 36 -5.17 -18.09 15.38
C GLU A 36 -4.84 -16.74 14.75
N VAL A 37 -5.69 -16.28 13.84
CA VAL A 37 -5.57 -14.93 13.36
C VAL A 37 -6.32 -14.12 14.44
N GLY A 38 -5.58 -13.40 15.27
CA GLY A 38 -6.19 -12.54 16.29
C GLY A 38 -6.96 -11.37 15.70
N THR A 39 -7.80 -10.75 16.53
CA THR A 39 -8.62 -9.66 16.08
C THR A 39 -7.77 -8.52 15.55
N ILE A 40 -6.60 -8.26 16.15
CA ILE A 40 -5.72 -7.20 15.66
C ILE A 40 -5.24 -7.46 14.22
N LEU A 41 -4.84 -8.68 13.93
CA LEU A 41 -4.31 -9.04 12.64
C LEU A 41 -5.47 -9.02 11.63
N ALA A 42 -6.62 -9.52 12.06
CA ALA A 42 -7.85 -9.53 11.25
C ALA A 42 -8.30 -8.12 10.84
N PHE A 43 -8.33 -7.18 11.76
CA PHE A 43 -8.57 -5.80 11.35
C PHE A 43 -7.42 -5.14 10.59
N ALA A 44 -6.17 -5.52 10.84
CA ALA A 44 -5.09 -4.87 10.13
C ALA A 44 -5.14 -5.21 8.65
N GLU A 45 -5.35 -6.50 8.37
CA GLU A 45 -5.22 -7.04 7.05
C GLU A 45 -6.45 -7.60 6.39
N GLY A 46 -7.51 -7.85 7.16
CA GLY A 46 -8.70 -8.44 6.66
C GLY A 46 -8.52 -9.93 6.40
N MSE A 47 -9.46 -10.47 5.66
CA MSE A 47 -9.55 -11.91 5.41
C MSE A 47 -8.35 -12.44 4.64
O MSE A 47 -8.08 -13.64 4.72
CB MSE A 47 -10.83 -12.26 4.70
CG MSE A 47 -12.07 -12.08 5.51
SE MSE A 47 -12.13 -13.12 7.20
CE MSE A 47 -11.38 -11.83 8.54
N LYS A 48 -7.58 -11.57 3.97
CA LYS A 48 -6.31 -11.95 3.36
C LYS A 48 -5.39 -12.69 4.37
N ALA A 49 -5.39 -12.24 5.63
CA ALA A 49 -4.61 -12.92 6.65
C ALA A 49 -5.03 -14.37 6.81
N VAL A 50 -6.35 -14.64 6.85
CA VAL A 50 -6.88 -15.97 6.99
C VAL A 50 -6.49 -16.83 5.81
N SER A 51 -6.75 -16.31 4.61
CA SER A 51 -6.41 -17.07 3.38
CA SER A 51 -6.44 -17.12 3.41
C SER A 51 -4.95 -17.39 3.28
N THR A 52 -4.13 -16.40 3.66
CA THR A 52 -2.68 -16.57 3.53
C THR A 52 -2.16 -17.68 4.46
N LEU A 53 -2.60 -17.62 5.70
CA LEU A 53 -2.17 -18.57 6.73
C LEU A 53 -2.77 -19.97 6.45
N ARG A 54 -3.96 -20.00 5.88
CA ARG A 54 -4.57 -21.22 5.41
C ARG A 54 -3.73 -21.95 4.36
N HIS A 55 -3.25 -21.19 3.39
CA HIS A 55 -2.36 -21.73 2.34
C HIS A 55 -1.03 -22.15 2.89
N ASN A 56 -0.45 -21.34 3.78
CA ASN A 56 0.85 -21.65 4.33
C ASN A 56 0.87 -22.86 5.26
N HIS A 57 -0.22 -23.08 6.02
CA HIS A 57 -0.29 -24.11 7.08
C HIS A 57 -1.55 -24.96 6.96
N PRO A 58 -1.59 -25.78 5.93
CA PRO A 58 -2.82 -26.48 5.57
C PRO A 58 -3.21 -27.55 6.56
N ASN A 59 -2.26 -28.04 7.36
CA ASN A 59 -2.54 -29.12 8.29
C ASN A 59 -2.77 -28.66 9.71
N HIS A 60 -2.83 -27.35 9.91
CA HIS A 60 -3.10 -26.82 11.24
C HIS A 60 -4.58 -26.51 11.35
N ILE A 61 -5.08 -26.48 12.58
CA ILE A 61 -6.42 -25.89 12.83
C ILE A 61 -6.24 -24.35 12.76
N LEU A 62 -7.14 -23.65 12.08
CA LEU A 62 -7.00 -22.22 11.89
C LEU A 62 -8.21 -21.51 12.46
N VAL A 63 -7.95 -20.49 13.27
CA VAL A 63 -9.00 -19.75 13.98
C VAL A 63 -9.01 -18.32 13.48
N CYS A 64 -10.19 -17.79 13.25
CA CYS A 64 -10.35 -16.38 12.92
C CYS A 64 -11.09 -15.75 14.08
N ASP A 65 -10.39 -14.92 14.83
CA ASP A 65 -10.92 -14.36 16.04
C ASP A 65 -11.56 -13.00 15.77
N MSE A 66 -12.81 -12.98 15.33
CA MSE A 66 -13.48 -11.75 15.03
C MSE A 66 -14.29 -11.13 16.19
O MSE A 66 -14.72 -9.97 16.10
CB MSE A 66 -14.46 -11.99 13.88
CG MSE A 66 -13.70 -12.23 12.58
SE MSE A 66 -14.97 -12.54 11.12
CE MSE A 66 -15.75 -14.16 11.77
N LYS A 67 -14.51 -11.92 17.25
CA LYS A 67 -15.38 -11.54 18.40
C LYS A 67 -16.69 -10.94 17.86
N THR A 68 -17.24 -11.64 16.90
CA THR A 68 -18.47 -11.25 16.19
C THR A 68 -19.54 -10.78 17.15
N THR A 69 -19.99 -9.55 16.97
CA THR A 69 -21.03 -9.00 17.80
C THR A 69 -22.34 -8.77 17.07
N ASP A 70 -22.29 -8.61 15.75
CA ASP A 70 -23.49 -8.44 14.91
C ASP A 70 -23.03 -8.76 13.46
N GLY A 71 -23.99 -8.78 12.53
CA GLY A 71 -23.75 -9.19 11.15
C GLY A 71 -23.12 -10.57 11.09
N GLY A 72 -23.65 -11.48 11.90
CA GLY A 72 -22.97 -12.77 12.07
C GLY A 72 -23.02 -13.67 10.84
N ALA A 73 -24.17 -13.73 10.18
CA ALA A 73 -24.34 -14.56 8.99
C ALA A 73 -23.29 -14.20 7.91
N ILE A 74 -23.05 -12.90 7.74
CA ILE A 74 -22.11 -12.43 6.72
C ILE A 74 -20.67 -12.63 7.18
N LEU A 75 -20.34 -12.27 8.43
CA LEU A 75 -18.97 -12.39 8.90
C LEU A 75 -18.55 -13.87 9.01
N SER A 76 -19.45 -14.70 9.54
CA SER A 76 -19.14 -16.13 9.65
CA SER A 76 -19.13 -16.13 9.66
C SER A 76 -18.85 -16.75 8.29
N ARG A 77 -19.72 -16.45 7.31
CA ARG A 77 -19.50 -16.96 5.97
C ARG A 77 -18.16 -16.50 5.39
N MSE A 78 -17.80 -15.23 5.55
CA MSE A 78 -16.56 -14.69 5.03
CA MSE A 78 -16.56 -14.71 4.98
C MSE A 78 -15.35 -15.42 5.62
O MSE A 78 -14.41 -15.77 4.90
CB MSE A 78 -16.47 -13.19 5.38
CB MSE A 78 -16.47 -13.16 5.08
CG MSE A 78 -17.47 -12.31 4.60
CG MSE A 78 -15.60 -12.55 6.16
SE MSE A 78 -17.24 -10.43 5.21
SE MSE A 78 -15.47 -10.57 6.13
CE MSE A 78 -15.34 -10.55 4.99
CE MSE A 78 -16.18 -10.43 4.36
N ALA A 79 -15.39 -15.69 6.93
CA ALA A 79 -14.23 -16.26 7.60
C ALA A 79 -14.08 -17.75 7.26
N PHE A 80 -15.21 -18.45 7.27
CA PHE A 80 -15.20 -19.84 6.88
C PHE A 80 -14.76 -19.98 5.47
N GLU A 81 -15.23 -19.11 4.58
CA GLU A 81 -14.89 -19.27 3.17
C GLU A 81 -13.38 -19.03 2.97
N ALA A 82 -12.85 -18.08 3.72
CA ALA A 82 -11.43 -17.72 3.69
C ALA A 82 -10.52 -18.83 4.16
N GLY A 83 -11.09 -19.78 4.91
CA GLY A 83 -10.39 -20.99 5.33
C GLY A 83 -10.41 -21.30 6.80
N ALA A 84 -11.00 -20.42 7.64
CA ALA A 84 -11.05 -20.70 9.07
C ALA A 84 -11.78 -22.02 9.38
N ASP A 85 -11.25 -22.78 10.34
CA ASP A 85 -11.95 -23.93 10.90
C ASP A 85 -12.92 -23.50 11.99
N TRP A 86 -12.44 -22.59 12.85
CA TRP A 86 -13.18 -22.11 14.00
C TRP A 86 -13.21 -20.57 13.98
N ILE A 87 -14.33 -19.99 14.41
CA ILE A 87 -14.41 -18.56 14.49
C ILE A 87 -14.95 -18.21 15.83
N THR A 88 -14.68 -16.96 16.26
CA THR A 88 -15.14 -16.52 17.55
C THR A 88 -16.30 -15.54 17.41
N VAL A 89 -17.19 -15.63 18.36
CA VAL A 89 -18.39 -14.84 18.45
C VAL A 89 -18.47 -14.29 19.86
N SER A 90 -18.67 -12.98 20.00
CA SER A 90 -18.75 -12.38 21.34
C SER A 90 -19.97 -12.89 22.11
N ALA A 91 -19.79 -13.11 23.39
CA ALA A 91 -20.86 -13.42 24.27
C ALA A 91 -21.94 -12.33 24.27
N ALA A 92 -21.58 -11.11 23.90
CA ALA A 92 -22.52 -9.98 23.89
C ALA A 92 -23.34 -9.91 22.61
N ALA A 93 -23.04 -10.76 21.62
CA ALA A 93 -23.89 -10.83 20.45
C ALA A 93 -25.30 -11.22 20.88
N HIS A 94 -26.31 -10.65 20.25
CA HIS A 94 -27.65 -11.14 20.45
C HIS A 94 -27.76 -12.64 20.10
N ILE A 95 -28.57 -13.34 20.87
CA ILE A 95 -28.74 -14.81 20.64
C ILE A 95 -29.16 -15.16 19.17
N ALA A 96 -29.88 -14.25 18.49
CA ALA A 96 -30.22 -14.48 17.09
C ALA A 96 -29.00 -14.41 16.20
N THR A 97 -28.04 -13.56 16.55
CA THR A 97 -26.78 -13.46 15.79
C THR A 97 -25.98 -14.71 15.99
N ILE A 98 -25.91 -15.13 17.24
CA ILE A 98 -25.21 -16.35 17.59
C ILE A 98 -25.79 -17.53 16.80
N ALA A 99 -27.12 -17.62 16.76
CA ALA A 99 -27.78 -18.69 16.00
C ALA A 99 -27.44 -18.64 14.53
N ALA A 100 -27.39 -17.42 13.97
CA ALA A 100 -27.08 -17.20 12.55
C ALA A 100 -25.69 -17.65 12.26
N CYS A 101 -24.74 -17.36 13.16
CA CYS A 101 -23.35 -17.84 13.01
C CYS A 101 -23.26 -19.37 13.02
N LYS A 102 -24.00 -19.95 13.95
CA LYS A 102 -24.10 -21.39 14.06
C LYS A 102 -24.69 -22.06 12.81
N LYS A 103 -25.70 -21.45 12.22
CA LYS A 103 -26.35 -21.98 11.02
C LYS A 103 -25.31 -22.04 9.89
N VAL A 104 -24.51 -20.99 9.80
CA VAL A 104 -23.48 -20.91 8.77
C VAL A 104 -22.37 -21.93 9.04
N ALA A 105 -21.96 -22.04 10.31
CA ALA A 105 -20.96 -23.01 10.69
C ALA A 105 -21.39 -24.44 10.30
N ASP A 106 -22.63 -24.80 10.61
CA ASP A 106 -23.21 -26.11 10.28
C ASP A 106 -23.25 -26.31 8.75
N GLU A 107 -23.69 -25.29 8.01
CA GLU A 107 -23.61 -25.34 6.53
C GLU A 107 -22.22 -25.61 6.01
N LEU A 108 -21.20 -24.99 6.59
CA LEU A 108 -19.90 -25.02 6.05
C LEU A 108 -18.97 -25.97 6.81
N ASN A 109 -19.52 -26.74 7.73
CA ASN A 109 -18.76 -27.64 8.59
C ASN A 109 -17.60 -26.94 9.35
N GLY A 110 -17.85 -25.71 9.84
CA GLY A 110 -16.96 -25.11 10.79
C GLY A 110 -17.56 -25.14 12.19
N GLU A 111 -16.90 -24.45 13.13
CA GLU A 111 -17.38 -24.37 14.51
C GLU A 111 -17.24 -22.97 15.05
N ILE A 112 -18.17 -22.66 15.95
CA ILE A 112 -18.24 -21.41 16.64
C ILE A 112 -17.63 -21.57 18.03
N GLN A 113 -16.90 -20.54 18.48
CA GLN A 113 -16.38 -20.49 19.81
C GLN A 113 -16.89 -19.16 20.41
N ILE A 114 -17.48 -19.21 21.58
CA ILE A 114 -17.97 -18.01 22.23
C ILE A 114 -16.81 -17.35 23.04
N GLU A 115 -16.51 -16.11 22.69
CA GLU A 115 -15.54 -15.31 23.46
C GLU A 115 -16.24 -14.68 24.67
N ILE A 116 -15.84 -15.07 25.86
CA ILE A 116 -16.62 -14.68 27.05
C ILE A 116 -16.15 -13.33 27.55
N TYR A 117 -17.00 -12.34 27.32
CA TYR A 117 -16.79 -10.97 27.74
C TYR A 117 -18.13 -10.40 28.20
N GLY A 118 -18.04 -9.31 28.94
CA GLY A 118 -19.21 -8.51 29.34
C GLY A 118 -19.91 -9.11 30.53
N ASN A 119 -21.17 -8.72 30.74
CA ASN A 119 -21.99 -9.18 31.89
C ASN A 119 -22.72 -10.50 31.51
N TRP A 120 -21.93 -11.51 31.19
CA TRP A 120 -22.48 -12.74 30.72
C TRP A 120 -23.00 -13.54 31.94
N THR A 121 -23.91 -14.44 31.68
CA THR A 121 -24.53 -15.28 32.72
C THR A 121 -24.52 -16.74 32.33
N MSE A 122 -24.72 -17.60 33.32
CA MSE A 122 -24.88 -19.01 33.03
C MSE A 122 -26.14 -19.28 32.22
O MSE A 122 -26.13 -20.23 31.42
CB MSE A 122 -24.84 -19.86 34.30
CG MSE A 122 -23.54 -19.90 34.93
SE MSE A 122 -22.26 -20.90 33.84
CE MSE A 122 -20.94 -20.20 34.99
N GLN A 123 -27.21 -18.47 32.38
CA GLN A 123 -28.40 -18.56 31.51
C GLN A 123 -27.97 -18.39 30.01
N ASP A 124 -27.10 -17.41 29.75
CA ASP A 124 -26.58 -17.20 28.40
C ASP A 124 -25.80 -18.44 27.92
N ALA A 125 -24.99 -19.02 28.80
CA ALA A 125 -24.15 -20.15 28.45
C ALA A 125 -25.00 -21.35 28.06
N LYS A 126 -26.06 -21.52 28.82
CA LYS A 126 -27.03 -22.57 28.53
C LYS A 126 -27.70 -22.35 27.15
N ALA A 127 -27.94 -21.10 26.76
CA ALA A 127 -28.52 -20.82 25.47
C ALA A 127 -27.54 -21.14 24.36
N TRP A 128 -26.24 -20.91 24.60
CA TRP A 128 -25.25 -21.28 23.59
C TRP A 128 -25.23 -22.78 23.39
N VAL A 129 -25.20 -23.51 24.49
CA VAL A 129 -25.23 -24.96 24.41
C VAL A 129 -26.51 -25.49 23.72
N ASP A 130 -27.66 -24.86 24.00
CA ASP A 130 -28.88 -25.25 23.31
C ASP A 130 -28.86 -25.06 21.82
N LEU A 131 -28.00 -24.17 21.30
CA LEU A 131 -27.83 -23.98 19.87
C LEU A 131 -26.84 -24.97 19.33
N GLY A 132 -26.24 -25.76 20.21
CA GLY A 132 -25.32 -26.80 19.81
C GLY A 132 -23.89 -26.33 19.78
N ILE A 133 -23.63 -25.16 20.35
CA ILE A 133 -22.25 -24.63 20.50
C ILE A 133 -21.58 -25.24 21.74
N THR A 134 -20.40 -25.79 21.54
CA THR A 134 -19.69 -26.50 22.57
C THR A 134 -18.28 -25.98 22.83
N GLN A 135 -17.98 -24.75 22.41
CA GLN A 135 -16.66 -24.15 22.69
C GLN A 135 -16.82 -22.71 23.16
N ALA A 136 -15.97 -22.32 24.12
CA ALA A 136 -15.89 -20.97 24.60
C ALA A 136 -14.44 -20.67 24.95
N ILE A 137 -14.11 -19.38 24.81
CA ILE A 137 -12.78 -18.86 25.19
C ILE A 137 -12.93 -18.13 26.50
N TYR A 138 -12.23 -18.68 27.51
CA TYR A 138 -12.24 -18.14 28.86
C TYR A 138 -10.95 -17.43 29.15
N HIS A 139 -11.05 -16.11 29.35
CA HIS A 139 -9.96 -15.24 29.61
C HIS A 139 -9.83 -15.06 31.16
N ARG A 140 -8.61 -15.11 31.68
CA ARG A 140 -8.42 -14.70 33.07
C ARG A 140 -9.15 -13.37 33.32
N SER A 141 -9.91 -13.30 34.39
CA SER A 141 -10.68 -12.10 34.75
C SER A 141 -9.76 -10.89 34.67
N ARG A 142 -10.20 -9.86 33.98
CA ARG A 142 -9.39 -8.65 33.85
C ARG A 142 -9.13 -7.98 35.20
N ASP A 143 -10.12 -7.94 36.08
CA ASP A 143 -9.95 -7.33 37.39
C ASP A 143 -8.78 -8.05 38.12
N ALA A 144 -8.77 -9.40 38.02
CA ALA A 144 -7.70 -10.26 38.61
C ALA A 144 -6.35 -10.03 37.98
N GLU A 145 -6.29 -9.89 36.67
CA GLU A 145 -5.07 -9.58 35.99
C GLU A 145 -4.54 -8.22 36.47
N LEU A 146 -5.41 -7.23 36.54
CA LEU A 146 -5.00 -5.86 36.93
C LEU A 146 -4.48 -5.82 38.37
N ALA A 147 -5.15 -6.56 39.24
CA ALA A 147 -4.78 -6.66 40.68
C ALA A 147 -3.58 -7.57 40.98
N GLY A 148 -3.12 -8.35 40.00
CA GLY A 148 -2.02 -9.29 40.21
C GLY A 148 -2.34 -10.53 41.05
N ILE A 149 -3.59 -10.94 41.10
CA ILE A 149 -4.05 -11.98 42.03
C ILE A 149 -4.17 -13.36 41.37
N GLY A 150 -3.71 -13.46 40.11
CA GLY A 150 -3.59 -14.76 39.43
C GLY A 150 -4.94 -15.31 39.00
N TRP A 151 -5.06 -16.64 39.04
CA TRP A 151 -6.30 -17.32 38.70
C TRP A 151 -7.06 -17.58 39.97
N THR A 152 -8.20 -16.94 40.10
CA THR A 152 -8.98 -16.96 41.32
C THR A 152 -9.92 -18.15 41.43
N THR A 153 -10.32 -18.42 42.66
CA THR A 153 -11.33 -19.42 42.94
C THR A 153 -12.56 -19.18 42.13
N ASP A 154 -12.99 -17.94 42.03
CA ASP A 154 -14.20 -17.64 41.25
C ASP A 154 -14.05 -17.93 39.76
N ASP A 155 -12.94 -17.51 39.14
CA ASP A 155 -12.68 -17.90 37.75
C ASP A 155 -12.69 -19.45 37.59
N LEU A 156 -12.03 -20.16 38.48
CA LEU A 156 -11.93 -21.62 38.32
C LEU A 156 -13.33 -22.23 38.48
N ASP A 157 -14.11 -21.68 39.42
CA ASP A 157 -15.47 -22.14 39.62
C ASP A 157 -16.36 -21.94 38.38
N LYS A 158 -16.29 -20.74 37.81
CA LYS A 158 -17.02 -20.46 36.59
C LYS A 158 -16.62 -21.40 35.45
N MSE A 159 -15.32 -21.71 35.33
CA MSE A 159 -14.85 -22.63 34.31
C MSE A 159 -15.35 -24.03 34.53
O MSE A 159 -15.71 -24.71 33.61
CB MSE A 159 -13.31 -22.60 34.34
CG MSE A 159 -12.83 -21.20 33.96
SE MSE A 159 -10.91 -20.89 34.44
CE MSE A 159 -10.72 -21.51 32.84
N ARG A 160 -15.39 -24.43 35.81
CA ARG A 160 -16.01 -25.71 36.13
C ARG A 160 -17.50 -25.77 35.80
N GLN A 161 -18.25 -24.70 36.06
CA GLN A 161 -19.67 -24.64 35.73
C GLN A 161 -19.87 -24.77 34.22
N LEU A 162 -19.01 -24.10 33.44
CA LEU A 162 -19.15 -24.13 31.99
C LEU A 162 -18.84 -25.52 31.49
N SER A 163 -17.80 -26.11 32.05
CA SER A 163 -17.39 -27.46 31.65
CA SER A 163 -17.42 -27.48 31.65
C SER A 163 -18.52 -28.47 31.92
N ALA A 164 -19.22 -28.27 33.03
CA ALA A 164 -20.34 -29.14 33.41
C ALA A 164 -21.50 -29.00 32.42
N LEU A 165 -21.61 -27.87 31.76
CA LEU A 165 -22.58 -27.74 30.71
C LEU A 165 -22.17 -28.45 29.43
N GLY A 166 -20.95 -28.97 29.35
CA GLY A 166 -20.45 -29.66 28.16
C GLY A 166 -19.65 -28.71 27.27
N ILE A 167 -19.36 -27.50 27.76
CA ILE A 167 -18.53 -26.56 26.99
C ILE A 167 -17.04 -26.89 27.12
N GLU A 168 -16.35 -26.99 25.99
CA GLU A 168 -14.91 -27.22 25.98
C GLU A 168 -14.17 -25.84 25.85
N LEU A 169 -13.44 -25.49 26.90
CA LEU A 169 -12.84 -24.18 27.02
C LEU A 169 -11.49 -24.10 26.38
N SER A 170 -11.23 -22.99 25.72
CA SER A 170 -9.88 -22.59 25.44
C SER A 170 -9.48 -21.57 26.52
N ILE A 171 -8.38 -21.81 27.19
CA ILE A 171 -8.04 -21.01 28.38
C ILE A 171 -6.89 -20.10 28.08
N THR A 172 -7.03 -18.83 28.43
CA THR A 172 -6.05 -17.86 28.05
C THR A 172 -5.91 -16.77 29.10
N GLY A 173 -4.74 -16.13 29.12
CA GLY A 173 -4.46 -14.97 30.01
C GLY A 173 -3.25 -15.23 30.87
N GLY A 174 -2.07 -15.00 30.33
CA GLY A 174 -0.85 -15.18 31.08
C GLY A 174 -0.57 -16.64 31.39
N ILE A 175 -0.96 -17.54 30.48
CA ILE A 175 -0.74 -18.95 30.70
C ILE A 175 0.76 -19.24 30.64
N VAL A 176 1.21 -19.93 31.67
CA VAL A 176 2.61 -20.36 31.82
C VAL A 176 2.57 -21.81 32.36
N PRO A 177 3.61 -22.62 32.10
CA PRO A 177 3.66 -24.02 32.51
C PRO A 177 3.37 -24.28 33.97
N GLU A 178 3.84 -23.41 34.86
CA GLU A 178 3.66 -23.67 36.26
C GLU A 178 2.22 -23.45 36.76
N ASP A 179 1.33 -22.96 35.93
CA ASP A 179 -0.04 -22.74 36.36
C ASP A 179 -1.02 -23.78 35.77
N ILE A 180 -0.51 -24.66 34.90
CA ILE A 180 -1.37 -25.61 34.21
C ILE A 180 -2.16 -26.47 35.17
N TYR A 181 -1.56 -26.84 36.31
CA TYR A 181 -2.20 -27.73 37.28
C TYR A 181 -3.52 -27.17 37.77
N LEU A 182 -3.64 -25.84 37.81
CA LEU A 182 -4.83 -25.24 38.27
C LEU A 182 -6.11 -25.66 37.54
N PHE A 183 -5.97 -26.09 36.28
CA PHE A 183 -7.09 -26.32 35.36
C PHE A 183 -7.44 -27.82 35.28
N GLU A 184 -6.77 -28.62 36.10
CA GLU A 184 -7.07 -30.07 36.19
C GLU A 184 -8.60 -30.30 36.31
N GLY A 185 -9.13 -31.13 35.44
CA GLY A 185 -10.53 -31.52 35.49
C GLY A 185 -11.45 -30.59 34.69
N ILE A 186 -10.92 -29.46 34.21
CA ILE A 186 -11.71 -28.57 33.36
C ILE A 186 -11.62 -29.15 31.94
N LYS A 187 -12.75 -29.16 31.25
CA LYS A 187 -12.86 -29.59 29.88
C LYS A 187 -12.22 -28.52 29.03
N THR A 188 -11.05 -28.84 28.51
CA THR A 188 -10.16 -27.86 27.90
C THR A 188 -9.76 -28.29 26.48
N LYS A 189 -10.10 -27.45 25.52
CA LYS A 189 -9.76 -27.71 24.12
C LYS A 189 -8.36 -27.27 23.84
N THR A 190 -8.01 -26.07 24.27
CA THR A 190 -6.68 -25.55 24.02
C THR A 190 -6.27 -24.66 25.20
N PHE A 191 -4.96 -24.44 25.27
CA PHE A 191 -4.38 -23.28 25.97
C PHE A 191 -3.85 -22.37 24.88
N ILE A 192 -4.10 -21.08 25.03
CA ILE A 192 -3.78 -20.06 24.06
C ILE A 192 -2.77 -19.10 24.67
N ALA A 193 -1.62 -18.94 24.02
CA ALA A 193 -0.70 -17.84 24.36
C ALA A 193 -0.25 -17.10 23.09
N GLY A 194 0.46 -16.00 23.29
CA GLY A 194 0.95 -15.22 22.17
C GLY A 194 2.47 -15.23 22.07
N ARG A 195 3.09 -14.17 22.58
CA ARG A 195 4.55 -14.03 22.58
C ARG A 195 5.31 -15.15 23.28
N ALA A 196 4.74 -15.74 24.29
CA ALA A 196 5.41 -16.82 25.02
C ALA A 196 5.73 -18.01 24.09
N LEU A 197 4.97 -18.17 23.02
CA LEU A 197 5.15 -19.30 22.10
C LEU A 197 6.06 -18.98 20.93
N ALA A 198 6.45 -17.73 20.82
CA ALA A 198 7.25 -17.26 19.70
C ALA A 198 8.68 -16.99 20.17
N GLY A 199 9.52 -16.54 19.25
CA GLY A 199 10.92 -16.22 19.58
C GLY A 199 11.78 -17.38 20.08
N ALA A 200 12.83 -17.01 20.84
CA ALA A 200 13.96 -17.90 21.13
C ALA A 200 13.56 -19.08 21.99
N GLU A 201 12.68 -18.81 22.94
CA GLU A 201 12.28 -19.81 23.90
C GLU A 201 10.82 -20.30 23.73
N GLY A 202 10.17 -19.93 22.63
CA GLY A 202 8.83 -20.42 22.35
C GLY A 202 8.77 -21.93 22.24
N GLN A 203 9.74 -22.53 21.56
CA GLN A 203 9.73 -23.95 21.41
C GLN A 203 9.83 -24.66 22.76
N GLN A 204 10.72 -24.16 23.61
CA GLN A 204 10.89 -24.81 24.92
C GLN A 204 9.69 -24.55 25.84
N THR A 205 9.06 -23.39 25.71
CA THR A 205 7.83 -23.09 26.43
C THR A 205 6.72 -24.04 26.00
N ALA A 206 6.54 -24.23 24.70
CA ALA A 206 5.56 -25.20 24.22
C ALA A 206 5.82 -26.57 24.82
N ALA A 207 7.07 -27.01 24.81
CA ALA A 207 7.39 -28.34 25.38
C ALA A 207 7.11 -28.40 26.89
N ALA A 208 7.31 -27.28 27.59
CA ALA A 208 7.07 -27.21 29.03
C ALA A 208 5.57 -27.25 29.32
N LEU A 209 4.81 -26.57 28.48
CA LEU A 209 3.36 -26.69 28.56
C LEU A 209 2.88 -28.13 28.30
N ARG A 210 3.41 -28.76 27.25
CA ARG A 210 2.97 -30.10 26.92
C ARG A 210 3.28 -31.06 28.05
N GLU A 211 4.40 -30.87 28.72
CA GLU A 211 4.79 -31.75 29.83
C GLU A 211 3.76 -31.66 30.95
N GLN A 212 3.31 -30.44 31.24
CA GLN A 212 2.35 -30.23 32.28
C GLN A 212 0.99 -30.75 31.87
N ILE A 213 0.63 -30.55 30.59
CA ILE A 213 -0.60 -31.08 30.07
C ILE A 213 -0.67 -32.59 30.25
N ASP A 214 0.44 -33.26 30.01
CA ASP A 214 0.43 -34.71 30.03
C ASP A 214 0.35 -35.22 31.44
N ARG A 215 0.66 -34.39 32.44
CA ARG A 215 0.54 -34.84 33.85
C ARG A 215 -0.92 -34.90 34.25
N PHE A 216 -1.73 -34.00 33.71
CA PHE A 216 -3.10 -33.77 34.21
C PHE A 216 -4.23 -34.27 33.31
N TRP A 217 -3.96 -34.46 32.01
CA TRP A 217 -4.91 -35.05 31.12
C TRP A 217 -4.26 -36.36 30.61
N LYS B 6 -27.74 19.36 16.57
CA LYS B 6 -28.50 18.81 15.38
C LYS B 6 -27.90 17.51 14.79
N PRO B 7 -28.68 16.46 14.76
CA PRO B 7 -28.21 15.16 14.24
C PRO B 7 -27.77 15.22 12.81
N MSE B 8 -26.74 14.45 12.53
CA MSE B 8 -26.16 14.33 11.23
C MSE B 8 -26.62 13.01 10.62
O MSE B 8 -27.23 12.19 11.31
CB MSE B 8 -24.64 14.33 11.40
CG MSE B 8 -24.08 15.70 11.64
SE MSE B 8 -22.12 15.71 11.71
CE MSE B 8 -21.92 14.63 13.26
N ILE B 9 -26.40 12.87 9.32
CA ILE B 9 -26.77 11.68 8.58
C ILE B 9 -25.52 10.88 8.31
N GLN B 10 -25.54 9.61 8.73
CA GLN B 10 -24.42 8.71 8.61
C GLN B 10 -24.80 7.52 7.75
N ILE B 11 -23.93 7.13 6.84
CA ILE B 11 -24.05 5.87 6.11
C ILE B 11 -23.06 4.83 6.59
N ALA B 12 -23.58 3.62 6.84
CA ALA B 12 -22.80 2.49 7.30
C ALA B 12 -22.47 1.69 6.04
N LEU B 13 -21.20 1.63 5.70
CA LEU B 13 -20.73 0.84 4.57
C LEU B 13 -20.43 -0.60 5.04
N ASP B 14 -21.30 -1.53 4.70
CA ASP B 14 -21.10 -2.91 5.12
C ASP B 14 -20.91 -3.83 3.94
N GLN B 15 -20.47 -3.28 2.80
CA GLN B 15 -20.04 -4.11 1.69
C GLN B 15 -18.93 -5.07 2.02
N THR B 16 -18.88 -6.17 1.28
CA THR B 16 -17.91 -7.19 1.54
C THR B 16 -16.66 -7.02 0.66
N ASN B 17 -16.63 -5.96 -0.13
CA ASN B 17 -15.40 -5.59 -0.83
C ASN B 17 -15.25 -4.10 -0.93
N LEU B 18 -14.03 -3.63 -1.04
CA LEU B 18 -13.75 -2.19 -0.99
C LEU B 18 -14.22 -1.53 -2.28
N THR B 19 -14.12 -2.27 -3.41
CA THR B 19 -14.56 -1.66 -4.67
C THR B 19 -16.01 -1.16 -4.57
N ASP B 20 -16.87 -2.01 -4.05
CA ASP B 20 -18.29 -1.66 -3.91
C ASP B 20 -18.50 -0.55 -2.91
N ALA B 21 -17.77 -0.57 -1.78
CA ALA B 21 -17.89 0.48 -0.80
C ALA B 21 -17.47 1.82 -1.36
N VAL B 22 -16.35 1.85 -2.10
CA VAL B 22 -15.89 3.10 -2.72
C VAL B 22 -16.93 3.72 -3.65
N ALA B 23 -17.63 2.88 -4.42
CA ALA B 23 -18.60 3.31 -5.39
C ALA B 23 -19.79 3.87 -4.64
N VAL B 24 -20.23 3.18 -3.60
CA VAL B 24 -21.37 3.67 -2.79
C VAL B 24 -21.06 5.02 -2.07
N ALA B 25 -19.93 5.06 -1.39
CA ALA B 25 -19.46 6.31 -0.76
C ALA B 25 -19.45 7.46 -1.78
N SER B 26 -18.88 7.22 -2.96
CA SER B 26 -18.85 8.27 -3.97
C SER B 26 -20.27 8.78 -4.35
N ASN B 27 -21.20 7.86 -4.45
CA ASN B 27 -22.59 8.14 -4.85
C ASN B 27 -23.35 8.92 -3.81
N VAL B 28 -23.09 8.66 -2.55
CA VAL B 28 -23.86 9.28 -1.49
C VAL B 28 -23.14 10.45 -0.80
N ALA B 29 -21.90 10.72 -1.16
CA ALA B 29 -21.07 11.64 -0.34
C ALA B 29 -21.64 13.04 -0.24
N SER B 30 -22.33 13.53 -1.27
CA SER B 30 -22.82 14.91 -1.20
CA SER B 30 -22.88 14.89 -1.28
C SER B 30 -24.04 15.07 -0.33
N TYR B 31 -24.60 13.98 0.18
CA TYR B 31 -25.76 14.10 1.08
C TYR B 31 -25.69 13.33 2.40
N VAL B 32 -24.52 12.80 2.69
CA VAL B 32 -24.27 12.23 3.99
C VAL B 32 -23.14 13.03 4.65
N ASP B 33 -23.21 13.13 5.98
CA ASP B 33 -22.24 13.85 6.82
C ASP B 33 -21.09 12.98 7.32
N VAL B 34 -21.44 11.72 7.60
CA VAL B 34 -20.55 10.83 8.28
C VAL B 34 -20.50 9.56 7.42
N ILE B 35 -19.29 9.10 7.14
CA ILE B 35 -19.08 7.87 6.38
C ILE B 35 -18.49 6.88 7.32
N GLU B 36 -19.09 5.70 7.38
CA GLU B 36 -18.66 4.65 8.30
C GLU B 36 -18.17 3.40 7.60
N VAL B 37 -16.97 2.97 7.96
CA VAL B 37 -16.45 1.65 7.64
C VAL B 37 -17.03 0.67 8.66
N GLY B 38 -18.06 -0.02 8.24
CA GLY B 38 -18.73 -1.01 9.05
C GLY B 38 -17.82 -2.18 9.33
N THR B 39 -18.18 -2.96 10.36
CA THR B 39 -17.37 -4.09 10.75
C THR B 39 -17.15 -5.08 9.62
N ILE B 40 -18.19 -5.27 8.81
CA ILE B 40 -18.11 -6.23 7.69
C ILE B 40 -16.99 -5.85 6.70
N LEU B 41 -16.96 -4.59 6.34
CA LEU B 41 -15.99 -4.09 5.40
C LEU B 41 -14.58 -4.07 6.04
N ALA B 42 -14.51 -3.70 7.31
CA ALA B 42 -13.26 -3.69 8.08
C ALA B 42 -12.62 -5.09 8.11
N PHE B 43 -13.43 -6.10 8.38
CA PHE B 43 -12.91 -7.50 8.36
C PHE B 43 -12.66 -8.02 6.95
N ALA B 44 -13.41 -7.58 5.98
CA ALA B 44 -13.16 -8.03 4.63
C ALA B 44 -11.84 -7.52 4.11
N GLU B 45 -11.54 -6.25 4.38
CA GLU B 45 -10.50 -5.55 3.64
C GLU B 45 -9.33 -5.09 4.50
N GLY B 46 -9.55 -4.99 5.80
CA GLY B 46 -8.56 -4.45 6.71
C GLY B 46 -8.53 -2.94 6.67
N MSE B 47 -7.53 -2.39 7.32
CA MSE B 47 -7.40 -0.94 7.45
C MSE B 47 -7.27 -0.12 6.15
O MSE B 47 -7.57 1.05 6.14
CB MSE B 47 -6.26 -0.59 8.40
CG MSE B 47 -6.53 -0.90 9.81
SE MSE B 47 -8.06 -0.04 10.66
CE MSE B 47 -9.40 -1.42 10.23
N LYS B 48 -6.86 -0.74 5.06
CA LYS B 48 -6.83 -0.06 3.80
C LYS B 48 -8.24 0.48 3.44
N ALA B 49 -9.32 -0.13 3.93
CA ALA B 49 -10.64 0.46 3.75
C ALA B 49 -10.77 1.84 4.39
N VAL B 50 -10.21 2.01 5.59
CA VAL B 50 -10.30 3.27 6.29
C VAL B 50 -9.41 4.32 5.59
N SER B 51 -8.17 3.93 5.27
CA SER B 51 -7.27 4.87 4.64
C SER B 51 -7.76 5.26 3.23
N THR B 52 -8.37 4.33 2.46
CA THR B 52 -8.86 4.63 1.12
C THR B 52 -10.01 5.63 1.23
N LEU B 53 -10.95 5.34 2.11
CA LEU B 53 -12.11 6.25 2.24
C LEU B 53 -11.69 7.58 2.81
N ARG B 54 -10.70 7.61 3.71
CA ARG B 54 -10.17 8.86 4.25
C ARG B 54 -9.66 9.76 3.15
N HIS B 55 -8.94 9.16 2.23
CA HIS B 55 -8.43 9.86 1.06
C HIS B 55 -9.48 10.36 0.11
N ASN B 56 -10.46 9.55 -0.16
CA ASN B 56 -11.49 9.84 -1.12
C ASN B 56 -12.46 10.91 -0.60
N HIS B 57 -12.58 10.99 0.70
CA HIS B 57 -13.56 11.89 1.36
C HIS B 57 -12.90 12.58 2.54
N PRO B 58 -11.99 13.53 2.24
CA PRO B 58 -11.09 14.08 3.24
C PRO B 58 -11.78 14.98 4.29
N ASN B 59 -12.94 15.48 3.96
CA ASN B 59 -13.65 16.45 4.82
C ASN B 59 -14.76 15.83 5.65
N HIS B 60 -15.20 14.62 5.32
CA HIS B 60 -16.23 13.95 6.07
C HIS B 60 -15.71 13.49 7.44
N ILE B 61 -16.62 13.31 8.38
CA ILE B 61 -16.32 12.55 9.60
C ILE B 61 -16.26 11.06 9.17
N LEU B 62 -15.19 10.37 9.53
CA LEU B 62 -15.01 8.98 9.16
C LEU B 62 -15.00 8.12 10.43
N VAL B 63 -15.79 7.05 10.40
CA VAL B 63 -15.94 6.13 11.55
C VAL B 63 -15.33 4.79 11.14
N CYS B 64 -14.62 4.19 12.07
CA CYS B 64 -14.16 2.79 11.94
C CYS B 64 -14.92 1.95 12.99
N ASP B 65 -15.87 1.12 12.54
CA ASP B 65 -16.74 0.32 13.41
C ASP B 65 -16.15 -1.03 13.74
N MSE B 66 -15.28 -1.06 14.75
CA MSE B 66 -14.62 -2.26 15.13
C MSE B 66 -15.36 -3.04 16.22
O MSE B 66 -15.08 -4.24 16.37
CB MSE B 66 -13.17 -1.93 15.61
CG MSE B 66 -12.35 -1.54 14.41
SE MSE B 66 -10.50 -1.18 14.95
CE MSE B 66 -10.90 0.22 16.09
N LYS B 67 -16.27 -2.39 16.94
CA LYS B 67 -16.95 -3.00 18.11
C LYS B 67 -15.90 -3.64 19.06
N THR B 68 -14.88 -2.87 19.31
CA THR B 68 -13.63 -3.32 19.99
C THR B 68 -14.04 -3.93 21.29
N THR B 69 -13.55 -5.14 21.59
CA THR B 69 -13.96 -5.87 22.79
C THR B 69 -12.74 -6.11 23.69
N ASP B 70 -11.57 -6.19 23.08
CA ASP B 70 -10.31 -6.34 23.81
C ASP B 70 -9.19 -5.87 22.85
N GLY B 71 -7.97 -5.74 23.36
CA GLY B 71 -6.85 -5.17 22.62
C GLY B 71 -7.14 -3.75 22.15
N GLY B 72 -7.75 -2.98 23.01
CA GLY B 72 -8.26 -1.66 22.61
C GLY B 72 -7.18 -0.65 22.33
N ALA B 73 -6.14 -0.59 23.14
CA ALA B 73 -5.07 0.42 22.88
C ALA B 73 -4.52 0.20 21.46
N ILE B 74 -4.25 -1.06 21.09
CA ILE B 74 -3.64 -1.29 19.77
C ILE B 74 -4.60 -1.06 18.62
N LEU B 75 -5.81 -1.56 18.77
CA LEU B 75 -6.86 -1.39 17.74
C LEU B 75 -7.24 0.07 17.52
N SER B 76 -7.41 0.80 18.61
CA SER B 76 -7.71 2.19 18.54
C SER B 76 -6.63 2.96 17.80
N ARG B 77 -5.39 2.74 18.17
CA ARG B 77 -4.26 3.37 17.46
C ARG B 77 -4.27 3.06 15.97
N MSE B 78 -4.48 1.79 15.61
CA MSE B 78 -4.42 1.39 14.23
C MSE B 78 -5.50 2.14 13.41
O MSE B 78 -5.25 2.64 12.32
CB MSE B 78 -4.54 -0.14 14.16
CG MSE B 78 -5.01 -0.68 12.88
SE MSE B 78 -5.37 -2.62 13.12
CE MSE B 78 -4.08 -2.85 14.61
N ALA B 79 -6.71 2.27 13.97
CA ALA B 79 -7.83 2.91 13.26
C ALA B 79 -7.63 4.42 13.11
N PHE B 80 -7.17 5.06 14.17
CA PHE B 80 -6.91 6.51 14.12
C PHE B 80 -5.73 6.82 13.19
N GLU B 81 -4.69 5.99 13.23
CA GLU B 81 -3.56 6.12 12.29
C GLU B 81 -3.99 5.94 10.86
N ALA B 82 -5.00 5.10 10.64
CA ALA B 82 -5.53 4.85 9.31
C ALA B 82 -6.38 5.98 8.78
N GLY B 83 -6.83 6.88 9.66
CA GLY B 83 -7.54 8.09 9.29
C GLY B 83 -8.90 8.23 9.95
N ALA B 84 -9.34 7.24 10.74
CA ALA B 84 -10.67 7.36 11.45
C ALA B 84 -10.71 8.58 12.34
N ASP B 85 -11.85 9.27 12.39
CA ASP B 85 -12.13 10.29 13.38
C ASP B 85 -12.79 9.75 14.63
N TRP B 86 -13.70 8.78 14.42
CA TRP B 86 -14.47 8.11 15.48
C TRP B 86 -14.26 6.63 15.34
N ILE B 87 -14.15 5.95 16.48
CA ILE B 87 -14.09 4.46 16.47
C ILE B 87 -15.10 3.90 17.47
N THR B 88 -15.58 2.69 17.21
CA THR B 88 -16.54 2.08 18.11
C THR B 88 -15.91 0.99 19.01
N VAL B 89 -16.45 0.91 20.19
CA VAL B 89 -16.01 -0.03 21.23
C VAL B 89 -17.23 -0.68 21.79
N SER B 90 -17.19 -2.01 21.92
CA SER B 90 -18.33 -2.75 22.44
C SER B 90 -18.59 -2.38 23.92
N ALA B 91 -19.84 -2.22 24.28
CA ALA B 91 -20.26 -2.17 25.68
C ALA B 91 -19.74 -3.35 26.52
N ALA B 92 -19.44 -4.47 25.86
CA ALA B 92 -18.94 -5.69 26.52
C ALA B 92 -17.44 -5.65 26.82
N ALA B 93 -16.74 -4.66 26.27
CA ALA B 93 -15.32 -4.48 26.61
C ALA B 93 -15.24 -4.19 28.06
N HIS B 94 -14.21 -4.73 28.72
CA HIS B 94 -13.96 -4.37 30.10
C HIS B 94 -13.65 -2.90 30.22
N ILE B 95 -14.11 -2.28 31.33
CA ILE B 95 -13.92 -0.86 31.47
C ILE B 95 -12.44 -0.43 31.30
N ALA B 96 -11.49 -1.29 31.68
CA ALA B 96 -10.07 -0.99 31.45
C ALA B 96 -9.71 -0.87 29.98
N THR B 97 -10.30 -1.73 29.15
CA THR B 97 -10.14 -1.60 27.71
C THR B 97 -10.78 -0.31 27.16
N ILE B 98 -11.97 -0.01 27.62
CA ILE B 98 -12.67 1.19 27.18
C ILE B 98 -11.80 2.40 27.54
N ALA B 99 -11.27 2.38 28.75
CA ALA B 99 -10.35 3.45 29.22
C ALA B 99 -9.11 3.57 28.33
N ALA B 100 -8.60 2.44 27.86
CA ALA B 100 -7.39 2.38 27.05
C ALA B 100 -7.68 2.98 25.69
N CYS B 101 -8.88 2.72 25.17
CA CYS B 101 -9.32 3.26 23.86
C CYS B 101 -9.51 4.77 23.99
N LYS B 102 -10.14 5.22 25.10
CA LYS B 102 -10.34 6.66 25.34
C LYS B 102 -9.02 7.39 25.50
N LYS B 103 -8.04 6.77 26.16
CA LYS B 103 -6.72 7.38 26.26
C LYS B 103 -6.07 7.63 24.88
N VAL B 104 -6.12 6.64 23.99
CA VAL B 104 -5.56 6.78 22.67
C VAL B 104 -6.34 7.82 21.90
N ALA B 105 -7.67 7.78 22.01
CA ALA B 105 -8.53 8.79 21.35
C ALA B 105 -8.16 10.19 21.78
N ASP B 106 -7.99 10.39 23.09
CA ASP B 106 -7.51 11.69 23.57
C ASP B 106 -6.13 12.10 23.01
N GLU B 107 -5.21 11.17 22.97
CA GLU B 107 -3.85 11.38 22.47
C GLU B 107 -3.81 11.66 20.98
N LEU B 108 -4.78 11.10 20.24
CA LEU B 108 -4.81 11.24 18.77
C LEU B 108 -5.97 12.10 18.24
N ASN B 109 -6.57 12.85 19.15
CA ASN B 109 -7.61 13.84 18.88
C ASN B 109 -8.79 13.25 18.10
N GLY B 110 -9.19 12.05 18.54
CA GLY B 110 -10.34 11.33 17.96
C GLY B 110 -11.38 11.15 19.07
N GLU B 111 -12.44 10.40 18.75
CA GLU B 111 -13.52 10.13 19.67
C GLU B 111 -13.87 8.64 19.69
N ILE B 112 -14.36 8.18 20.86
CA ILE B 112 -14.86 6.84 21.08
C ILE B 112 -16.37 6.89 21.09
N GLN B 113 -16.99 5.90 20.50
CA GLN B 113 -18.42 5.67 20.60
C GLN B 113 -18.64 4.26 21.17
N ILE B 114 -19.54 4.09 22.10
CA ILE B 114 -19.83 2.78 22.65
C ILE B 114 -20.95 2.14 21.83
N GLU B 115 -20.70 0.96 21.32
CA GLU B 115 -21.71 0.19 20.62
C GLU B 115 -22.50 -0.61 21.66
N ILE B 116 -23.77 -0.30 21.79
CA ILE B 116 -24.62 -0.89 22.86
C ILE B 116 -25.14 -2.28 22.45
N TYR B 117 -24.51 -3.29 23.05
CA TYR B 117 -24.80 -4.72 22.90
C TYR B 117 -24.67 -5.40 24.25
N GLY B 118 -25.35 -6.51 24.38
CA GLY B 118 -25.15 -7.44 25.51
C GLY B 118 -26.06 -7.09 26.67
N ASN B 119 -25.71 -7.57 27.84
CA ASN B 119 -26.48 -7.35 29.08
C ASN B 119 -25.94 -6.12 29.73
N TRP B 120 -25.99 -5.01 29.02
CA TRP B 120 -25.40 -3.78 29.51
C TRP B 120 -26.34 -3.13 30.55
N THR B 121 -25.77 -2.32 31.43
CA THR B 121 -26.56 -1.70 32.51
C THR B 121 -26.37 -0.20 32.53
N MSE B 122 -27.27 0.49 33.21
CA MSE B 122 -27.11 1.95 33.36
C MSE B 122 -25.87 2.28 34.20
O MSE B 122 -25.23 3.30 33.99
CB MSE B 122 -28.36 2.58 34.02
CG MSE B 122 -29.49 2.83 33.07
SE MSE B 122 -29.12 3.80 31.43
CE MSE B 122 -30.56 2.94 30.55
N GLN B 123 -25.48 1.41 35.13
CA GLN B 123 -24.20 1.59 35.82
C GLN B 123 -23.00 1.58 34.83
N ASP B 124 -23.01 0.65 33.88
CA ASP B 124 -22.01 0.64 32.84
C ASP B 124 -22.01 1.99 32.10
N ALA B 125 -23.19 2.47 31.70
CA ALA B 125 -23.27 3.73 30.98
C ALA B 125 -22.73 4.90 31.78
N LYS B 126 -23.03 4.95 33.06
CA LYS B 126 -22.46 6.00 33.89
C LYS B 126 -20.92 5.91 33.94
N ALA B 127 -20.38 4.68 33.91
CA ALA B 127 -18.92 4.48 33.87
C ALA B 127 -18.32 5.03 32.54
N TRP B 128 -19.05 4.90 31.42
CA TRP B 128 -18.59 5.43 30.16
C TRP B 128 -18.53 6.95 30.21
N VAL B 129 -19.58 7.54 30.78
CA VAL B 129 -19.63 9.00 30.92
C VAL B 129 -18.50 9.49 31.86
N ASP B 130 -18.20 8.73 32.90
CA ASP B 130 -17.12 9.13 33.83
C ASP B 130 -15.74 9.09 33.20
N LEU B 131 -15.58 8.30 32.15
CA LEU B 131 -14.34 8.33 31.33
C LEU B 131 -14.29 9.49 30.34
N GLY B 132 -15.36 10.28 30.29
CA GLY B 132 -15.47 11.36 29.34
C GLY B 132 -16.06 10.97 27.99
N ILE B 133 -16.62 9.75 27.87
CA ILE B 133 -17.21 9.28 26.61
C ILE B 133 -18.63 9.83 26.54
N THR B 134 -18.97 10.41 25.40
CA THR B 134 -20.26 11.06 25.27
C THR B 134 -21.04 10.60 24.05
N GLN B 135 -20.64 9.46 23.48
CA GLN B 135 -21.30 8.95 22.31
C GLN B 135 -21.59 7.49 22.49
N ALA B 136 -22.75 7.03 21.99
CA ALA B 136 -23.06 5.59 21.94
C ALA B 136 -24.03 5.36 20.82
N ILE B 137 -23.94 4.13 20.29
CA ILE B 137 -24.70 3.64 19.14
C ILE B 137 -25.79 2.75 19.73
N TYR B 138 -27.04 3.17 19.51
CA TYR B 138 -28.21 2.48 20.05
C TYR B 138 -28.95 1.86 18.86
N HIS B 139 -29.04 0.54 18.87
CA HIS B 139 -29.70 -0.23 17.84
C HIS B 139 -31.08 -0.59 18.28
N ARG B 140 -32.04 -0.50 17.37
CA ARG B 140 -33.36 -1.00 17.63
CA ARG B 140 -33.37 -1.00 17.62
C ARG B 140 -33.24 -2.45 18.09
N SER B 141 -33.96 -2.77 19.17
CA SER B 141 -33.99 -4.13 19.71
C SER B 141 -34.12 -5.20 18.62
N ARG B 142 -33.20 -6.17 18.64
CA ARG B 142 -33.26 -7.30 17.73
C ARG B 142 -34.58 -8.11 17.91
N ASP B 143 -35.07 -8.16 19.14
CA ASP B 143 -36.37 -8.84 19.36
C ASP B 143 -37.50 -8.11 18.69
N ALA B 144 -37.48 -6.78 18.69
CA ALA B 144 -38.48 -5.99 17.96
C ALA B 144 -38.43 -6.29 16.46
N GLU B 145 -37.22 -6.37 15.91
CA GLU B 145 -37.07 -6.65 14.50
C GLU B 145 -37.59 -8.04 14.20
N LEU B 146 -37.27 -9.02 15.06
CA LEU B 146 -37.66 -10.43 14.82
C LEU B 146 -39.18 -10.49 14.77
N ALA B 147 -39.85 -9.74 15.63
CA ALA B 147 -41.34 -9.71 15.66
C ALA B 147 -41.96 -8.82 14.58
N GLY B 148 -41.17 -8.03 13.88
CA GLY B 148 -41.65 -7.08 12.90
C GLY B 148 -42.51 -5.97 13.46
N ILE B 149 -42.18 -5.40 14.61
CA ILE B 149 -43.14 -4.46 15.25
C ILE B 149 -42.77 -2.97 15.33
N GLY B 150 -41.61 -2.63 14.80
CA GLY B 150 -41.17 -1.22 14.76
C GLY B 150 -40.53 -0.87 16.09
N TRP B 151 -40.49 0.41 16.46
CA TRP B 151 -39.81 0.81 17.68
C TRP B 151 -40.73 0.59 18.88
N THR B 152 -40.16 0.27 20.03
CA THR B 152 -40.94 0.13 21.24
C THR B 152 -40.44 1.04 22.36
N THR B 153 -41.28 1.26 23.37
CA THR B 153 -40.98 2.19 24.42
C THR B 153 -39.84 1.74 25.33
N ASP B 154 -39.53 0.46 25.38
CA ASP B 154 -38.41 -0.01 26.22
C ASP B 154 -37.12 0.58 25.61
N ASP B 155 -37.03 0.56 24.28
CA ASP B 155 -35.86 1.23 23.59
C ASP B 155 -35.92 2.75 23.82
N LEU B 156 -37.08 3.36 23.61
CA LEU B 156 -37.13 4.81 23.74
C LEU B 156 -36.79 5.26 25.15
N ASP B 157 -37.30 4.53 26.11
CA ASP B 157 -37.04 4.86 27.50
C ASP B 157 -35.54 4.74 27.84
N LYS B 158 -34.89 3.68 27.36
CA LYS B 158 -33.46 3.51 27.61
C LYS B 158 -32.66 4.64 26.94
N MSE B 159 -33.07 5.03 25.74
CA MSE B 159 -32.42 6.12 25.07
CA MSE B 159 -32.44 6.13 25.05
C MSE B 159 -32.62 7.43 25.84
O MSE B 159 -31.68 8.21 25.99
CB MSE B 159 -32.87 6.21 23.62
CB MSE B 159 -32.99 6.23 23.62
CG MSE B 159 -32.18 5.18 22.76
CG MSE B 159 -32.77 4.96 22.80
SE MSE B 159 -32.48 5.54 20.86
SE MSE B 159 -34.08 4.71 21.32
CE MSE B 159 -33.66 4.02 20.49
CE MSE B 159 -33.18 5.42 19.75
N ARG B 160 -33.81 7.64 26.39
CA ARG B 160 -33.99 8.86 27.15
C ARG B 160 -33.11 8.84 28.42
N GLN B 161 -32.91 7.66 29.02
CA GLN B 161 -32.09 7.55 30.24
C GLN B 161 -30.63 7.82 29.91
N LEU B 162 -30.21 7.31 28.75
CA LEU B 162 -28.83 7.52 28.31
C LEU B 162 -28.56 9.01 28.02
N SER B 163 -29.49 9.64 27.30
CA SER B 163 -29.46 11.05 26.99
C SER B 163 -29.34 11.86 28.31
N ALA B 164 -30.08 11.46 29.33
CA ALA B 164 -30.09 12.19 30.61
C ALA B 164 -28.74 12.07 31.32
N LEU B 165 -27.96 11.04 31.03
CA LEU B 165 -26.60 10.96 31.56
C LEU B 165 -25.60 11.80 30.77
N GLY B 166 -26.03 12.35 29.65
CA GLY B 166 -25.21 13.20 28.84
C GLY B 166 -24.59 12.47 27.64
N ILE B 167 -25.14 11.33 27.26
CA ILE B 167 -24.65 10.61 26.09
C ILE B 167 -25.43 11.09 24.87
N GLU B 168 -24.73 11.42 23.80
CA GLU B 168 -25.35 11.71 22.52
C GLU B 168 -25.41 10.45 21.69
N LEU B 169 -26.61 10.03 21.38
CA LEU B 169 -26.85 8.76 20.71
C LEU B 169 -26.74 8.85 19.21
N SER B 170 -26.26 7.77 18.61
CA SER B 170 -26.40 7.55 17.21
C SER B 170 -27.44 6.41 17.10
N ILE B 171 -28.50 6.66 16.36
CA ILE B 171 -29.71 5.82 16.39
C ILE B 171 -29.80 5.08 15.08
N THR B 172 -30.03 3.78 15.18
CA THR B 172 -29.98 2.97 13.96
C THR B 172 -30.91 1.78 14.14
N GLY B 173 -31.35 1.22 13.02
CA GLY B 173 -32.24 0.06 13.02
C GLY B 173 -33.51 0.37 12.25
N GLY B 174 -33.43 0.29 10.93
CA GLY B 174 -34.58 0.60 10.06
C GLY B 174 -35.07 2.03 10.14
N ILE B 175 -34.16 2.96 10.32
CA ILE B 175 -34.54 4.37 10.38
C ILE B 175 -35.14 4.84 9.07
N VAL B 176 -36.30 5.46 9.19
CA VAL B 176 -37.02 6.04 8.06
C VAL B 176 -37.53 7.42 8.46
N PRO B 177 -37.75 8.32 7.48
CA PRO B 177 -38.11 9.70 7.85
C PRO B 177 -39.35 9.80 8.73
N GLU B 178 -40.37 9.01 8.43
CA GLU B 178 -41.62 9.07 9.15
C GLU B 178 -41.55 8.68 10.63
N ASP B 179 -40.46 8.05 11.02
CA ASP B 179 -40.21 7.64 12.41
C ASP B 179 -39.37 8.60 13.20
N ILE B 180 -38.85 9.65 12.55
CA ILE B 180 -37.88 10.51 13.23
C ILE B 180 -38.52 11.23 14.40
N TYR B 181 -39.80 11.57 14.25
CA TYR B 181 -40.54 12.19 15.37
C TYR B 181 -40.49 11.42 16.71
N LEU B 182 -40.32 10.11 16.63
CA LEU B 182 -40.26 9.27 17.82
C LEU B 182 -39.18 9.67 18.81
N PHE B 183 -38.09 10.25 18.30
CA PHE B 183 -36.85 10.47 19.06
C PHE B 183 -36.72 11.90 19.56
N GLU B 184 -37.77 12.71 19.38
CA GLU B 184 -37.76 14.09 19.85
C GLU B 184 -37.33 14.11 21.31
N GLY B 185 -36.46 15.04 21.67
CA GLY B 185 -36.01 15.18 23.05
C GLY B 185 -34.83 14.34 23.45
N ILE B 186 -34.39 13.43 22.60
CA ILE B 186 -33.28 12.58 22.89
C ILE B 186 -32.07 13.24 22.23
N LYS B 187 -30.98 13.40 22.99
CA LYS B 187 -29.76 14.01 22.50
C LYS B 187 -29.23 13.08 21.48
N THR B 188 -29.17 13.53 20.23
CA THR B 188 -28.84 12.64 19.10
C THR B 188 -27.73 13.26 18.27
N LYS B 189 -26.65 12.51 18.12
CA LYS B 189 -25.53 12.90 17.30
C LYS B 189 -25.74 12.58 15.81
N THR B 190 -26.19 11.36 15.52
CA THR B 190 -26.45 10.94 14.15
C THR B 190 -27.64 9.97 14.08
N PHE B 191 -28.24 9.89 12.89
CA PHE B 191 -29.06 8.75 12.51
C PHE B 191 -28.23 7.99 11.49
N ILE B 192 -28.21 6.68 11.60
CA ILE B 192 -27.40 5.83 10.73
C ILE B 192 -28.31 4.93 9.91
N ALA B 193 -28.04 4.85 8.63
CA ALA B 193 -28.72 3.89 7.78
C ALA B 193 -27.73 3.36 6.77
N GLY B 194 -28.16 2.33 6.03
CA GLY B 194 -27.27 1.60 5.08
C GLY B 194 -27.83 1.76 3.68
N ARG B 195 -28.58 0.75 3.24
CA ARG B 195 -29.11 0.69 1.86
C ARG B 195 -30.12 1.75 1.58
N ALA B 196 -30.87 2.14 2.61
CA ALA B 196 -31.83 3.24 2.45
C ALA B 196 -31.20 4.53 1.93
N LEU B 197 -29.90 4.75 2.16
CA LEU B 197 -29.24 6.00 1.75
C LEU B 197 -28.53 5.89 0.40
N ALA B 198 -28.48 4.71 -0.15
CA ALA B 198 -27.85 4.48 -1.45
C ALA B 198 -28.87 4.32 -2.61
N GLY B 199 -28.36 3.91 -3.76
CA GLY B 199 -29.23 3.61 -4.89
C GLY B 199 -30.08 4.78 -5.32
N ALA B 200 -31.26 4.44 -5.86
CA ALA B 200 -32.08 5.36 -6.64
C ALA B 200 -32.76 6.38 -5.74
N GLU B 201 -33.24 5.92 -4.59
CA GLU B 201 -34.08 6.75 -3.74
C GLU B 201 -33.32 7.32 -2.54
N GLY B 202 -32.01 7.06 -2.48
CA GLY B 202 -31.18 7.41 -1.30
C GLY B 202 -31.17 8.92 -1.11
N GLN B 203 -30.97 9.64 -2.21
CA GLN B 203 -30.91 11.09 -2.14
C GLN B 203 -32.19 11.70 -1.56
N GLN B 204 -33.33 11.19 -2.03
CA GLN B 204 -34.64 11.73 -1.65
C GLN B 204 -34.89 11.38 -0.19
N THR B 205 -34.51 10.16 0.18
CA THR B 205 -34.63 9.72 1.59
C THR B 205 -33.80 10.59 2.56
N ALA B 206 -32.55 10.85 2.19
CA ALA B 206 -31.68 11.78 2.92
C ALA B 206 -32.29 13.17 3.08
N ALA B 207 -32.92 13.67 2.00
CA ALA B 207 -33.61 14.94 2.05
C ALA B 207 -34.71 14.93 3.12
N ALA B 208 -35.52 13.90 3.07
CA ALA B 208 -36.67 13.79 3.98
C ALA B 208 -36.17 13.67 5.44
N LEU B 209 -35.14 12.88 5.63
CA LEU B 209 -34.54 12.69 6.95
C LEU B 209 -34.03 14.03 7.45
N ARG B 210 -33.37 14.80 6.60
CA ARG B 210 -32.86 16.14 6.98
CA ARG B 210 -32.89 16.09 7.08
C ARG B 210 -33.97 17.06 7.46
N GLU B 211 -35.07 17.02 6.74
CA GLU B 211 -36.17 17.91 7.02
C GLU B 211 -36.86 17.54 8.33
N GLN B 212 -37.01 16.24 8.56
CA GLN B 212 -37.53 15.75 9.83
C GLN B 212 -36.63 16.08 10.99
N ILE B 213 -35.34 15.97 10.76
CA ILE B 213 -34.38 16.34 11.81
C ILE B 213 -34.55 17.81 12.17
N ASP B 214 -34.66 18.66 11.16
CA ASP B 214 -34.88 20.14 11.40
C ASP B 214 -36.18 20.47 12.15
N ARG B 215 -37.15 19.60 12.02
CA ARG B 215 -38.44 19.79 12.61
C ARG B 215 -38.35 19.54 14.12
N PHE B 216 -37.43 18.66 14.57
CA PHE B 216 -37.37 18.30 16.00
C PHE B 216 -36.10 18.66 16.82
N TRP B 217 -35.00 19.04 16.15
CA TRP B 217 -33.76 19.52 16.77
C TRP B 217 -33.25 20.83 16.16
N PRO B 218 -32.56 21.66 16.96
CA PRO B 218 -32.42 21.64 18.40
C PRO B 218 -33.75 22.14 18.97
N THR C 5 -11.24 10.94 -8.48
CA THR C 5 -12.40 10.13 -8.96
C THR C 5 -12.13 9.10 -10.08
N LYS C 6 -12.24 9.55 -11.33
CA LYS C 6 -12.31 8.62 -12.44
C LYS C 6 -11.00 8.69 -13.16
N PRO C 7 -10.52 7.55 -13.68
CA PRO C 7 -9.32 7.62 -14.53
C PRO C 7 -9.47 8.51 -15.72
N MSE C 8 -8.42 9.26 -16.02
CA MSE C 8 -8.36 10.17 -17.12
C MSE C 8 -7.70 9.52 -18.32
O MSE C 8 -7.09 8.45 -18.21
CB MSE C 8 -7.58 11.43 -16.74
CG MSE C 8 -8.32 12.33 -15.79
SE MSE C 8 -7.24 13.89 -15.30
CE MSE C 8 -5.84 13.04 -14.33
N ILE C 9 -7.86 10.17 -19.48
CA ILE C 9 -7.27 9.70 -20.74
C ILE C 9 -5.99 10.46 -21.07
N GLN C 10 -4.91 9.72 -21.23
CA GLN C 10 -3.60 10.29 -21.48
C GLN C 10 -3.02 9.83 -22.75
N ILE C 11 -2.52 10.78 -23.53
CA ILE C 11 -1.79 10.45 -24.76
C ILE C 11 -0.30 10.63 -24.57
N ALA C 12 0.44 9.59 -24.93
CA ALA C 12 1.89 9.61 -24.90
C ALA C 12 2.45 9.98 -26.26
N LEU C 13 3.04 11.18 -26.34
CA LEU C 13 3.65 11.64 -27.60
C LEU C 13 5.10 11.11 -27.69
N ASP C 14 5.31 10.13 -28.56
CA ASP C 14 6.64 9.52 -28.75
C ASP C 14 7.16 9.75 -30.16
N GLN C 15 6.70 10.83 -30.76
CA GLN C 15 7.21 11.21 -32.09
C GLN C 15 8.68 11.62 -31.95
N THR C 16 9.41 11.46 -33.03
CA THR C 16 10.84 11.69 -33.00
C THR C 16 11.18 13.10 -33.52
N ASN C 17 10.17 13.94 -33.73
CA ASN C 17 10.40 15.35 -33.99
C ASN C 17 9.24 16.18 -33.48
N LEU C 18 9.50 17.43 -33.16
CA LEU C 18 8.52 18.27 -32.49
C LEU C 18 7.37 18.66 -33.40
N THR C 19 7.67 18.90 -34.68
CA THR C 19 6.60 19.21 -35.64
C THR C 19 5.46 18.19 -35.59
N ASP C 20 5.80 16.92 -35.74
CA ASP C 20 4.83 15.82 -35.72
C ASP C 20 4.06 15.75 -34.41
N ALA C 21 4.77 16.00 -33.29
CA ALA C 21 4.16 15.94 -31.95
C ALA C 21 3.18 17.08 -31.77
N VAL C 22 3.53 18.23 -32.31
CA VAL C 22 2.72 19.42 -32.15
C VAL C 22 1.44 19.22 -32.91
N ALA C 23 1.58 18.59 -34.09
CA ALA C 23 0.46 18.29 -34.96
C ALA C 23 -0.50 17.30 -34.28
N VAL C 24 0.07 16.22 -33.73
CA VAL C 24 -0.74 15.21 -33.03
C VAL C 24 -1.42 15.82 -31.83
N ALA C 25 -0.69 16.56 -31.00
CA ALA C 25 -1.31 17.23 -29.85
C ALA C 25 -2.47 18.15 -30.25
N SER C 26 -2.27 18.91 -31.32
CA SER C 26 -3.35 19.76 -31.83
C SER C 26 -4.59 18.94 -32.25
N ASN C 27 -4.41 17.78 -32.90
CA ASN C 27 -5.56 16.99 -33.32
C ASN C 27 -6.32 16.29 -32.15
N VAL C 28 -5.62 15.91 -31.08
CA VAL C 28 -6.21 15.11 -30.01
C VAL C 28 -6.62 15.95 -28.77
N ALA C 29 -6.23 17.21 -28.76
CA ALA C 29 -6.36 18.03 -27.56
C ALA C 29 -7.78 18.05 -26.98
N SER C 30 -8.77 18.24 -27.86
CA SER C 30 -10.15 18.39 -27.46
C SER C 30 -10.74 17.16 -26.76
N TYR C 31 -10.11 15.98 -26.89
CA TYR C 31 -10.63 14.77 -26.26
C TYR C 31 -9.65 13.99 -25.36
N VAL C 32 -8.49 14.56 -25.06
CA VAL C 32 -7.58 13.91 -24.09
C VAL C 32 -7.40 14.83 -22.88
N ASP C 33 -7.20 14.23 -21.71
CA ASP C 33 -7.07 15.00 -20.48
C ASP C 33 -5.64 15.39 -20.17
N VAL C 34 -4.73 14.51 -20.57
CA VAL C 34 -3.32 14.61 -20.22
C VAL C 34 -2.52 14.43 -21.49
N ILE C 35 -1.59 15.36 -21.70
CA ILE C 35 -0.64 15.29 -22.82
C ILE C 35 0.76 14.98 -22.24
N GLU C 36 1.38 13.92 -22.76
CA GLU C 36 2.71 13.54 -22.27
C GLU C 36 3.77 13.65 -23.33
N VAL C 37 4.85 14.35 -22.98
CA VAL C 37 6.10 14.33 -23.77
C VAL C 37 6.79 13.03 -23.34
N GLY C 38 6.70 12.05 -24.22
CA GLY C 38 7.31 10.76 -23.99
C GLY C 38 8.80 10.92 -24.00
N THR C 39 9.48 9.92 -23.45
CA THR C 39 10.94 9.92 -23.38
C THR C 39 11.58 10.10 -24.76
N ILE C 40 11.00 9.44 -25.77
CA ILE C 40 11.55 9.52 -27.09
C ILE C 40 11.50 10.97 -27.60
N LEU C 41 10.38 11.65 -27.41
CA LEU C 41 10.27 13.03 -27.83
C LEU C 41 11.20 13.94 -27.02
N ALA C 42 11.27 13.69 -25.71
CA ALA C 42 12.15 14.42 -24.78
C ALA C 42 13.61 14.35 -25.22
N PHE C 43 14.10 13.14 -25.54
CA PHE C 43 15.48 13.02 -26.04
C PHE C 43 15.65 13.55 -27.46
N ALA C 44 14.61 13.50 -28.27
CA ALA C 44 14.71 13.99 -29.64
C ALA C 44 14.94 15.51 -29.65
N GLU C 45 14.14 16.21 -28.85
CA GLU C 45 14.00 17.66 -28.94
C GLU C 45 14.40 18.37 -27.67
N GLY C 46 14.44 17.68 -26.56
CA GLY C 46 14.78 18.31 -25.32
C GLY C 46 13.62 19.12 -24.76
N MSE C 47 13.95 20.00 -23.83
CA MSE C 47 12.94 20.69 -23.03
C MSE C 47 12.04 21.62 -23.85
O MSE C 47 10.91 21.96 -23.42
CB MSE C 47 13.56 21.47 -21.91
CG MSE C 47 13.97 20.64 -20.71
SE MSE C 47 12.73 19.31 -19.93
CE MSE C 47 12.99 17.77 -21.13
N LYS C 48 12.53 22.03 -25.00
CA LYS C 48 11.72 22.81 -25.93
C LYS C 48 10.39 22.11 -26.29
N ALA C 49 10.38 20.77 -26.31
CA ALA C 49 9.14 20.02 -26.52
C ALA C 49 8.12 20.34 -25.39
N VAL C 50 8.57 20.47 -24.14
CA VAL C 50 7.72 20.65 -22.99
C VAL C 50 7.20 22.07 -23.05
N SER C 51 8.09 23.02 -23.25
CA SER C 51 7.69 24.42 -23.24
C SER C 51 6.75 24.75 -24.41
N THR C 52 6.97 24.14 -25.57
CA THR C 52 6.09 24.38 -26.73
C THR C 52 4.66 23.88 -26.49
N LEU C 53 4.58 22.65 -25.97
CA LEU C 53 3.29 22.01 -25.76
C LEU C 53 2.59 22.67 -24.57
N ARG C 54 3.34 23.21 -23.60
CA ARG C 54 2.76 23.96 -22.49
C ARG C 54 2.00 25.19 -23.00
N HIS C 55 2.63 25.89 -23.90
CA HIS C 55 2.06 27.12 -24.47
C HIS C 55 0.84 26.77 -25.33
N ASN C 56 0.96 25.73 -26.12
CA ASN C 56 -0.08 25.33 -27.04
C ASN C 56 -1.34 24.80 -26.36
N HIS C 57 -1.22 24.24 -25.15
CA HIS C 57 -2.27 23.51 -24.45
C HIS C 57 -2.24 23.85 -22.98
N PRO C 58 -2.60 25.11 -22.65
CA PRO C 58 -2.45 25.61 -21.32
C PRO C 58 -3.36 24.99 -20.24
N ASN C 59 -4.46 24.39 -20.63
CA ASN C 59 -5.37 23.77 -19.68
C ASN C 59 -5.11 22.32 -19.43
N HIS C 60 -4.29 21.65 -20.27
CA HIS C 60 -4.06 20.21 -20.10
C HIS C 60 -3.05 19.92 -18.99
N ILE C 61 -3.16 18.73 -18.40
CA ILE C 61 -2.07 18.22 -17.56
C ILE C 61 -1.01 17.86 -18.55
N LEU C 62 0.19 18.38 -18.30
CA LEU C 62 1.37 18.13 -19.12
C LEU C 62 2.40 17.29 -18.38
N VAL C 63 2.80 16.18 -18.99
CA VAL C 63 3.74 15.25 -18.37
C VAL C 63 5.10 15.34 -19.10
N CYS C 64 6.19 15.34 -18.34
CA CYS C 64 7.50 15.15 -18.96
C CYS C 64 8.06 13.82 -18.49
N ASP C 65 8.16 12.86 -19.42
CA ASP C 65 8.54 11.49 -19.08
C ASP C 65 10.04 11.27 -19.26
N MSE C 66 10.78 11.58 -18.22
CA MSE C 66 12.22 11.46 -18.23
C MSE C 66 12.75 10.15 -17.67
O MSE C 66 13.92 9.81 -17.91
CB MSE C 66 12.85 12.65 -17.53
CG MSE C 66 12.63 13.96 -18.27
SE MSE C 66 13.42 15.44 -17.23
CE MSE C 66 12.39 15.24 -15.62
N LYS C 67 11.91 9.41 -16.93
CA LYS C 67 12.33 8.22 -16.22
C LYS C 67 13.59 8.50 -15.41
N THR C 68 13.57 9.63 -14.72
CA THR C 68 14.74 10.14 -14.03
C THR C 68 15.37 9.08 -13.16
N THR C 69 16.65 8.80 -13.38
CA THR C 69 17.38 7.80 -12.62
C THR C 69 18.46 8.43 -11.72
N ASP C 70 18.92 9.62 -12.08
CA ASP C 70 19.91 10.39 -11.31
C ASP C 70 19.86 11.81 -11.83
N GLY C 71 20.52 12.72 -11.14
CA GLY C 71 20.45 14.13 -11.50
C GLY C 71 19.07 14.72 -11.28
N GLY C 72 18.39 14.25 -10.25
CA GLY C 72 17.00 14.60 -10.04
C GLY C 72 16.72 16.06 -9.69
N ALA C 73 17.52 16.67 -8.83
CA ALA C 73 17.31 18.09 -8.50
C ALA C 73 17.32 18.96 -9.77
N ILE C 74 18.26 18.67 -10.66
CA ILE C 74 18.46 19.48 -11.82
C ILE C 74 17.44 19.14 -12.90
N LEU C 75 17.26 17.85 -13.21
CA LEU C 75 16.26 17.45 -14.25
C LEU C 75 14.84 17.86 -13.87
N SER C 76 14.49 17.71 -12.61
CA SER C 76 13.13 18.04 -12.19
CA SER C 76 13.14 18.07 -12.15
C SER C 76 12.89 19.55 -12.33
N ARG C 77 13.87 20.34 -11.94
CA ARG C 77 13.70 21.79 -12.09
C ARG C 77 13.62 22.21 -13.55
N MSE C 78 14.46 21.66 -14.39
CA MSE C 78 14.39 21.92 -15.85
CA MSE C 78 14.40 21.99 -15.80
C MSE C 78 13.00 21.65 -16.41
O MSE C 78 12.41 22.45 -17.16
CB MSE C 78 15.36 21.01 -16.59
CB MSE C 78 15.59 21.32 -16.51
CG MSE C 78 16.65 21.63 -16.97
CG MSE C 78 15.36 20.87 -17.92
SE MSE C 78 18.04 20.25 -17.17
SE MSE C 78 16.83 19.74 -18.58
CE MSE C 78 17.22 18.94 -18.39
CE MSE C 78 18.10 21.12 -18.32
N ALA C 79 12.45 20.50 -16.06
CA ALA C 79 11.13 20.07 -16.56
C ALA C 79 10.02 20.90 -15.99
N PHE C 80 10.05 21.19 -14.70
CA PHE C 80 8.95 21.99 -14.17
C PHE C 80 9.04 23.43 -14.67
N GLU C 81 10.24 24.01 -14.70
CA GLU C 81 10.38 25.36 -15.30
C GLU C 81 9.94 25.41 -16.75
N ALA C 82 10.16 24.35 -17.51
CA ALA C 82 9.68 24.27 -18.90
C ALA C 82 8.13 24.21 -19.01
N GLY C 83 7.48 23.82 -17.93
CA GLY C 83 6.03 23.81 -17.88
C GLY C 83 5.37 22.50 -17.51
N ALA C 84 6.13 21.42 -17.27
CA ALA C 84 5.47 20.21 -16.84
C ALA C 84 4.66 20.38 -15.54
N ASP C 85 3.52 19.70 -15.49
CA ASP C 85 2.74 19.49 -14.25
C ASP C 85 3.25 18.25 -13.53
N TRP C 86 3.52 17.18 -14.30
CA TRP C 86 3.91 15.91 -13.73
C TRP C 86 5.23 15.44 -14.39
N ILE C 87 6.15 14.87 -13.60
CA ILE C 87 7.38 14.24 -14.21
C ILE C 87 7.50 12.83 -13.72
N THR C 88 8.22 11.98 -14.46
CA THR C 88 8.39 10.61 -14.11
C THR C 88 9.81 10.41 -13.59
N VAL C 89 9.93 9.51 -12.62
CA VAL C 89 11.16 9.17 -11.96
C VAL C 89 11.17 7.62 -11.98
N SER C 90 12.30 7.05 -12.40
CA SER C 90 12.46 5.61 -12.38
C SER C 90 12.47 5.08 -10.96
N ALA C 91 11.83 3.94 -10.74
CA ALA C 91 11.94 3.20 -9.48
C ALA C 91 13.36 2.85 -9.11
N ALA C 92 14.25 2.79 -10.10
CA ALA C 92 15.64 2.51 -9.81
C ALA C 92 16.42 3.72 -9.34
N ALA C 93 15.82 4.94 -9.34
CA ALA C 93 16.55 6.10 -8.81
C ALA C 93 16.78 5.81 -7.33
N HIS C 94 17.91 6.24 -6.81
CA HIS C 94 18.14 6.14 -5.36
C HIS C 94 17.10 7.03 -4.65
N ILE C 95 16.71 6.65 -3.43
CA ILE C 95 15.64 7.37 -2.71
C ILE C 95 16.00 8.83 -2.55
N ALA C 96 17.29 9.14 -2.48
CA ALA C 96 17.70 10.53 -2.30
C ALA C 96 17.44 11.36 -3.56
N THR C 97 17.59 10.73 -4.72
CA THR C 97 17.23 11.35 -5.96
C THR C 97 15.70 11.53 -6.02
N ILE C 98 14.94 10.52 -5.60
CA ILE C 98 13.50 10.61 -5.65
C ILE C 98 13.05 11.78 -4.74
N ALA C 99 13.64 11.85 -3.54
CA ALA C 99 13.34 12.97 -2.62
C ALA C 99 13.68 14.31 -3.21
N ALA C 100 14.81 14.41 -3.94
CA ALA C 100 15.24 15.67 -4.55
C ALA C 100 14.24 16.13 -5.61
N CYS C 101 13.74 15.19 -6.39
CA CYS C 101 12.67 15.48 -7.35
C CYS C 101 11.36 15.96 -6.68
N LYS C 102 11.01 15.28 -5.60
CA LYS C 102 9.80 15.60 -4.84
C LYS C 102 9.94 16.97 -4.19
N LYS C 103 11.14 17.28 -3.70
CA LYS C 103 11.36 18.60 -3.11
C LYS C 103 11.08 19.70 -4.16
N VAL C 104 11.62 19.55 -5.34
CA VAL C 104 11.39 20.54 -6.39
C VAL C 104 9.90 20.57 -6.76
N ALA C 105 9.27 19.40 -6.91
CA ALA C 105 7.83 19.30 -7.26
C ALA C 105 6.95 20.10 -6.25
N ASP C 106 7.25 19.99 -4.97
CA ASP C 106 6.45 20.68 -3.92
C ASP C 106 6.67 22.17 -4.00
N GLU C 107 7.84 22.59 -4.47
CA GLU C 107 8.14 23.99 -4.63
C GLU C 107 7.48 24.61 -5.88
N LEU C 108 7.45 23.87 -7.00
CA LEU C 108 6.96 24.40 -8.26
C LEU C 108 5.60 23.89 -8.67
N ASN C 109 4.76 23.49 -7.72
CA ASN C 109 3.40 23.02 -7.97
C ASN C 109 3.38 21.81 -8.91
N GLY C 110 4.25 20.85 -8.72
CA GLY C 110 4.19 19.66 -9.59
C GLY C 110 3.96 18.40 -8.82
N GLU C 111 3.89 17.29 -9.55
CA GLU C 111 3.78 15.97 -8.93
CA GLU C 111 3.78 16.00 -8.93
C GLU C 111 4.81 15.04 -9.55
N ILE C 112 5.25 14.06 -8.76
CA ILE C 112 6.12 13.00 -9.20
C ILE C 112 5.34 11.71 -9.46
N GLN C 113 5.74 11.00 -10.51
CA GLN C 113 5.20 9.69 -10.84
C GLN C 113 6.38 8.71 -10.89
N ILE C 114 6.28 7.60 -10.19
CA ILE C 114 7.34 6.63 -10.19
C ILE C 114 7.07 5.67 -11.36
N GLU C 115 8.04 5.54 -12.27
CA GLU C 115 7.93 4.57 -13.32
C GLU C 115 8.36 3.22 -12.79
N ILE C 116 7.47 2.22 -12.85
CA ILE C 116 7.79 0.91 -12.25
C ILE C 116 8.64 0.05 -13.21
N TYR C 117 9.92 -0.08 -12.88
CA TYR C 117 10.93 -0.87 -13.62
C TYR C 117 11.91 -1.50 -12.68
N GLY C 118 12.56 -2.56 -13.14
CA GLY C 118 13.59 -3.17 -12.30
C GLY C 118 13.08 -4.11 -11.25
N ASN C 119 13.98 -4.44 -10.33
CA ASN C 119 13.69 -5.36 -9.23
C ASN C 119 13.14 -4.60 -8.05
N TRP C 120 12.06 -3.85 -8.30
CA TRP C 120 11.39 -3.03 -7.30
C TRP C 120 10.68 -3.90 -6.25
N THR C 121 10.64 -3.39 -5.04
CA THR C 121 9.99 -4.08 -3.94
C THR C 121 8.81 -3.28 -3.31
N MSE C 122 8.06 -3.97 -2.47
CA MSE C 122 6.98 -3.30 -1.75
C MSE C 122 7.58 -2.34 -0.74
O MSE C 122 7.02 -1.30 -0.51
CB MSE C 122 5.99 -4.28 -1.08
CG MSE C 122 5.03 -4.91 -2.04
SE MSE C 122 3.94 -3.67 -3.10
CE MSE C 122 3.99 -4.93 -4.53
N GLN C 123 8.76 -2.68 -0.21
CA GLN C 123 9.45 -1.73 0.66
C GLN C 123 9.82 -0.43 -0.08
N ASP C 124 10.24 -0.54 -1.33
CA ASP C 124 10.49 0.68 -2.12
C ASP C 124 9.23 1.49 -2.29
N ALA C 125 8.12 0.79 -2.62
CA ALA C 125 6.84 1.47 -2.85
C ALA C 125 6.40 2.19 -1.58
N LYS C 126 6.59 1.54 -0.42
CA LYS C 126 6.28 2.23 0.83
C LYS C 126 7.13 3.48 1.04
N ALA C 127 8.41 3.45 0.62
CA ALA C 127 9.29 4.59 0.69
C ALA C 127 8.83 5.75 -0.16
N TRP C 128 8.34 5.42 -1.36
CA TRP C 128 7.81 6.47 -2.23
C TRP C 128 6.64 7.12 -1.53
N VAL C 129 5.75 6.30 -0.97
CA VAL C 129 4.56 6.83 -0.28
C VAL C 129 4.95 7.70 0.88
N ASP C 130 5.96 7.27 1.63
CA ASP C 130 6.49 8.05 2.79
C ASP C 130 7.02 9.44 2.37
N LEU C 131 7.52 9.59 1.14
CA LEU C 131 7.85 10.92 0.60
C LEU C 131 6.66 11.78 0.17
N GLY C 132 5.45 11.20 0.18
CA GLY C 132 4.27 11.84 -0.24
C GLY C 132 3.96 11.62 -1.71
N ILE C 133 4.57 10.62 -2.32
CA ILE C 133 4.39 10.33 -3.71
C ILE C 133 3.29 9.30 -3.81
N THR C 134 2.28 9.55 -4.62
CA THR C 134 1.15 8.62 -4.71
C THR C 134 0.75 8.26 -6.12
N GLN C 135 1.68 8.43 -7.07
CA GLN C 135 1.44 8.08 -8.46
C GLN C 135 2.55 7.15 -8.92
N ALA C 136 2.18 6.13 -9.69
CA ALA C 136 3.15 5.27 -10.34
C ALA C 136 2.61 4.84 -11.69
N ILE C 137 3.52 4.52 -12.61
CA ILE C 137 3.17 4.14 -13.98
C ILE C 137 3.50 2.62 -14.10
N TYR C 138 2.50 1.83 -14.44
CA TYR C 138 2.62 0.38 -14.53
C TYR C 138 2.37 -0.03 -15.98
N HIS C 139 3.41 -0.61 -16.61
CA HIS C 139 3.40 -1.09 -17.98
C HIS C 139 3.10 -2.58 -18.03
N ARG C 140 2.42 -2.98 -19.10
CA ARG C 140 2.13 -4.39 -19.36
C ARG C 140 3.39 -5.23 -19.29
N SER C 141 3.25 -6.46 -18.82
CA SER C 141 4.37 -7.34 -18.70
C SER C 141 5.03 -7.46 -20.06
N ARG C 142 6.32 -7.14 -20.13
CA ARG C 142 6.99 -7.22 -21.40
C ARG C 142 7.13 -8.67 -21.90
N ASP C 143 7.31 -9.62 -21.00
CA ASP C 143 7.28 -11.07 -21.42
C ASP C 143 5.98 -11.52 -22.06
N ALA C 144 4.85 -11.15 -21.46
CA ALA C 144 3.55 -11.44 -22.00
C ALA C 144 3.34 -10.74 -23.33
N GLU C 145 3.76 -9.48 -23.37
CA GLU C 145 3.53 -8.62 -24.53
C GLU C 145 4.20 -9.22 -25.76
N LEU C 146 5.45 -9.65 -25.56
CA LEU C 146 6.22 -10.28 -26.61
C LEU C 146 5.42 -11.42 -27.24
N ALA C 147 4.93 -12.34 -26.39
CA ALA C 147 4.13 -13.51 -26.78
C ALA C 147 2.73 -13.17 -27.30
N GLY C 148 2.31 -11.93 -27.16
CA GLY C 148 1.00 -11.49 -27.62
C GLY C 148 -0.12 -11.94 -26.72
N ILE C 149 0.13 -12.03 -25.41
CA ILE C 149 -0.91 -12.57 -24.52
C ILE C 149 -1.31 -11.72 -23.32
N GLY C 150 -1.12 -10.41 -23.41
CA GLY C 150 -1.89 -9.53 -22.49
C GLY C 150 -1.09 -9.28 -21.23
N TRP C 151 -1.79 -9.10 -20.09
CA TRP C 151 -1.22 -8.82 -18.78
C TRP C 151 -1.08 -10.07 -17.97
N THR C 152 -0.05 -10.14 -17.14
CA THR C 152 0.06 -11.30 -16.26
C THR C 152 -0.90 -11.10 -15.10
N THR C 153 -1.59 -12.17 -14.72
CA THR C 153 -2.39 -12.07 -13.47
C THR C 153 -1.49 -11.77 -12.26
N ASP C 154 -0.21 -12.08 -12.36
CA ASP C 154 0.80 -11.67 -11.38
C ASP C 154 1.00 -10.14 -11.27
N ASP C 155 1.00 -9.47 -12.40
CA ASP C 155 1.01 -8.02 -12.35
C ASP C 155 -0.27 -7.43 -11.79
N LEU C 156 -1.44 -8.06 -12.05
CA LEU C 156 -2.70 -7.52 -11.47
C LEU C 156 -2.59 -7.59 -9.96
N ASP C 157 -2.04 -8.70 -9.45
CA ASP C 157 -1.84 -8.88 -8.01
C ASP C 157 -0.91 -7.80 -7.47
N LYS C 158 0.20 -7.51 -8.16
CA LYS C 158 1.13 -6.45 -7.73
C LYS C 158 0.45 -5.07 -7.76
N MSE C 159 -0.37 -4.83 -8.77
CA MSE C 159 -1.11 -3.56 -8.88
C MSE C 159 -2.07 -3.39 -7.71
O MSE C 159 -2.19 -2.27 -7.18
CB MSE C 159 -1.80 -3.43 -10.24
CG MSE C 159 -0.77 -3.44 -11.37
SE MSE C 159 -1.55 -3.97 -13.05
CE MSE C 159 -2.00 -2.14 -13.36
N ARG C 160 -2.71 -4.49 -7.32
CA ARG C 160 -3.61 -4.45 -6.13
C ARG C 160 -2.84 -4.11 -4.86
N GLN C 161 -1.65 -4.65 -4.74
CA GLN C 161 -0.80 -4.36 -3.57
C GLN C 161 -0.39 -2.90 -3.52
N LEU C 162 0.00 -2.36 -4.68
CA LEU C 162 0.29 -0.90 -4.77
C LEU C 162 -0.93 -0.03 -4.45
N SER C 163 -2.08 -0.39 -5.04
CA SER C 163 -3.34 0.29 -4.80
C SER C 163 -3.66 0.34 -3.29
N ALA C 164 -3.40 -0.77 -2.59
CA ALA C 164 -3.66 -0.87 -1.14
C ALA C 164 -2.83 0.15 -0.33
N LEU C 165 -1.68 0.57 -0.86
CA LEU C 165 -0.89 1.63 -0.23
C LEU C 165 -1.35 3.06 -0.56
N GLY C 166 -2.34 3.21 -1.41
CA GLY C 166 -2.79 4.55 -1.78
C GLY C 166 -2.08 5.06 -3.04
N ILE C 167 -1.34 4.21 -3.72
CA ILE C 167 -0.71 4.64 -4.98
C ILE C 167 -1.74 4.51 -6.08
N GLU C 168 -1.86 5.57 -6.86
CA GLU C 168 -2.79 5.65 -7.96
C GLU C 168 -2.01 5.38 -9.25
N LEU C 169 -2.38 4.33 -9.95
CA LEU C 169 -1.61 3.86 -11.10
C LEU C 169 -2.06 4.50 -12.40
N SER C 170 -1.08 4.71 -13.29
CA SER C 170 -1.36 5.04 -14.67
C SER C 170 -1.01 3.74 -15.39
N ILE C 171 -1.96 3.24 -16.17
CA ILE C 171 -1.89 1.89 -16.75
C ILE C 171 -1.70 2.04 -18.23
N THR C 172 -0.68 1.34 -18.74
CA THR C 172 -0.24 1.50 -20.10
C THR C 172 0.31 0.18 -20.70
N GLY C 173 0.21 0.05 -22.01
CA GLY C 173 0.73 -1.10 -22.79
C GLY C 173 -0.37 -1.71 -23.60
N GLY C 174 -0.57 -1.23 -24.82
CA GLY C 174 -1.61 -1.78 -25.69
C GLY C 174 -3.03 -1.64 -25.17
N ILE C 175 -3.28 -0.66 -24.32
CA ILE C 175 -4.61 -0.47 -23.74
C ILE C 175 -5.64 -0.14 -24.83
N VAL C 176 -6.72 -0.91 -24.85
CA VAL C 176 -7.87 -0.73 -25.74
C VAL C 176 -9.11 -0.89 -24.88
N PRO C 177 -10.30 -0.40 -25.34
CA PRO C 177 -11.46 -0.39 -24.49
C PRO C 177 -11.86 -1.74 -23.90
N GLU C 178 -11.58 -2.81 -24.63
CA GLU C 178 -11.93 -4.15 -24.18
C GLU C 178 -11.11 -4.60 -22.96
N ASP C 179 -9.95 -3.98 -22.75
CA ASP C 179 -9.08 -4.28 -21.61
C ASP C 179 -9.45 -3.55 -20.32
N ILE C 180 -10.27 -2.51 -20.37
CA ILE C 180 -10.45 -1.62 -19.21
C ILE C 180 -10.99 -2.34 -17.95
N TYR C 181 -11.99 -3.21 -18.16
CA TYR C 181 -12.63 -3.95 -17.05
C TYR C 181 -11.64 -4.76 -16.23
N LEU C 182 -10.53 -5.19 -16.87
CA LEU C 182 -9.52 -6.03 -16.21
C LEU C 182 -8.99 -5.37 -14.93
N PHE C 183 -9.03 -4.04 -14.87
CA PHE C 183 -8.36 -3.26 -13.81
C PHE C 183 -9.32 -2.73 -12.77
N GLU C 184 -10.57 -3.16 -12.83
CA GLU C 184 -11.54 -2.79 -11.80
C GLU C 184 -10.97 -3.11 -10.43
N GLY C 185 -11.12 -2.16 -9.51
CA GLY C 185 -10.71 -2.36 -8.16
C GLY C 185 -9.28 -1.86 -7.87
N ILE C 186 -8.56 -1.45 -8.93
CA ILE C 186 -7.25 -0.88 -8.81
C ILE C 186 -7.40 0.65 -8.87
N LYS C 187 -6.78 1.32 -7.89
CA LYS C 187 -6.80 2.79 -7.92
C LYS C 187 -6.04 3.29 -9.13
N THR C 188 -6.72 4.03 -10.00
CA THR C 188 -6.17 4.32 -11.30
C THR C 188 -6.32 5.81 -11.60
N LYS C 189 -5.20 6.45 -11.88
CA LYS C 189 -5.24 7.92 -12.21
C LYS C 189 -5.54 8.16 -13.68
N THR C 190 -4.88 7.37 -14.55
CA THR C 190 -5.02 7.50 -15.99
C THR C 190 -4.82 6.14 -16.69
N PHE C 191 -5.38 6.04 -17.90
CA PHE C 191 -4.97 5.06 -18.88
C PHE C 191 -4.20 5.81 -19.94
N ILE C 192 -3.07 5.27 -20.36
CA ILE C 192 -2.19 5.94 -21.34
C ILE C 192 -2.12 5.12 -22.60
N ALA C 193 -2.25 5.77 -23.74
CA ALA C 193 -2.04 5.14 -25.03
C ALA C 193 -1.37 6.11 -25.97
N GLY C 194 -0.90 5.60 -27.10
CA GLY C 194 -0.18 6.42 -28.06
C GLY C 194 -0.97 6.61 -29.32
N ARG C 195 -0.55 5.88 -30.34
CA ARG C 195 -1.18 6.00 -31.67
C ARG C 195 -2.68 5.72 -31.73
N ALA C 196 -3.18 4.82 -30.87
CA ALA C 196 -4.59 4.51 -30.80
C ALA C 196 -5.46 5.73 -30.47
N LEU C 197 -4.92 6.77 -29.83
CA LEU C 197 -5.71 8.00 -29.52
C LEU C 197 -5.62 9.07 -30.60
N ALA C 198 -4.86 8.79 -31.64
CA ALA C 198 -4.57 9.78 -32.67
C ALA C 198 -5.24 9.32 -33.96
N GLY C 199 -5.00 10.03 -35.05
CA GLY C 199 -5.53 9.62 -36.34
C GLY C 199 -7.05 9.72 -36.44
N ALA C 200 -7.58 9.02 -37.43
CA ALA C 200 -8.99 9.19 -37.81
C ALA C 200 -9.93 8.56 -36.76
N GLU C 201 -9.47 7.52 -36.08
CA GLU C 201 -10.33 6.83 -35.12
C GLU C 201 -9.98 7.15 -33.67
N GLY C 202 -9.15 8.15 -33.47
CA GLY C 202 -8.65 8.49 -32.13
C GLY C 202 -9.77 9.00 -31.25
N GLN C 203 -10.57 9.92 -31.78
CA GLN C 203 -11.65 10.51 -30.99
C GLN C 203 -12.67 9.43 -30.55
N GLN C 204 -13.00 8.51 -31.46
CA GLN C 204 -13.97 7.44 -31.15
C GLN C 204 -13.40 6.43 -30.11
N THR C 205 -12.11 6.15 -30.23
CA THR C 205 -11.41 5.26 -29.30
C THR C 205 -11.41 5.91 -27.95
N ALA C 206 -11.15 7.21 -27.89
CA ALA C 206 -11.22 7.93 -26.61
C ALA C 206 -12.61 7.85 -25.93
N ALA C 207 -13.67 8.06 -26.70
CA ALA C 207 -15.04 7.92 -26.21
C ALA C 207 -15.31 6.50 -25.73
N ALA C 208 -14.84 5.51 -26.49
CA ALA C 208 -15.00 4.10 -26.10
C ALA C 208 -14.28 3.81 -24.78
N LEU C 209 -13.09 4.36 -24.61
CA LEU C 209 -12.35 4.16 -23.35
C LEU C 209 -13.11 4.80 -22.19
N ARG C 210 -13.58 6.01 -22.39
CA ARG C 210 -14.35 6.72 -21.34
C ARG C 210 -15.61 5.96 -20.94
N GLU C 211 -16.26 5.36 -21.93
CA GLU C 211 -17.46 4.59 -21.67
C GLU C 211 -17.18 3.40 -20.79
N GLN C 212 -16.06 2.70 -21.03
CA GLN C 212 -15.68 1.59 -20.18
C GLN C 212 -15.24 2.07 -18.79
N ILE C 213 -14.48 3.14 -18.73
CA ILE C 213 -14.00 3.67 -17.43
C ILE C 213 -15.21 4.00 -16.55
N ASP C 214 -16.21 4.63 -17.15
CA ASP C 214 -17.44 4.99 -16.42
C ASP C 214 -18.13 3.80 -15.75
N ARG C 215 -17.90 2.60 -16.26
CA ARG C 215 -18.54 1.45 -15.66
C ARG C 215 -17.92 1.03 -14.34
N PHE C 216 -16.63 1.26 -14.19
CA PHE C 216 -15.81 0.61 -13.16
C PHE C 216 -15.21 1.56 -12.11
N TRP C 217 -15.20 2.87 -12.34
CA TRP C 217 -14.76 3.85 -11.32
C TRP C 217 -15.85 4.93 -11.25
N PRO C 218 -16.04 5.55 -10.09
CA PRO C 218 -15.26 5.33 -8.90
C PRO C 218 -15.61 4.00 -8.29
N LYS D 6 44.44 -0.65 -20.81
CA LYS D 6 44.65 0.62 -20.04
C LYS D 6 43.43 1.60 -19.90
N PRO D 7 43.02 1.93 -18.68
CA PRO D 7 41.79 2.76 -18.57
C PRO D 7 41.90 4.10 -19.29
N MSE D 8 40.87 4.46 -20.01
CA MSE D 8 40.76 5.78 -20.66
C MSE D 8 40.20 6.86 -19.73
O MSE D 8 39.67 6.56 -18.65
CB MSE D 8 39.92 5.63 -21.91
CG MSE D 8 40.66 4.88 -23.03
SE MSE D 8 39.59 4.74 -24.60
CE MSE D 8 38.05 3.83 -23.86
N ILE D 9 40.29 8.12 -20.14
CA ILE D 9 39.71 9.23 -19.41
C ILE D 9 38.46 9.74 -20.15
N GLN D 10 37.37 9.88 -19.40
CA GLN D 10 36.12 10.29 -19.94
C GLN D 10 35.61 11.52 -19.21
N ILE D 11 35.14 12.52 -19.98
CA ILE D 11 34.49 13.69 -19.43
C ILE D 11 33.00 13.57 -19.64
N ALA D 12 32.23 13.69 -18.56
CA ALA D 12 30.80 13.71 -18.59
C ALA D 12 30.36 15.18 -18.67
N LEU D 13 29.67 15.56 -19.73
CA LEU D 13 29.16 16.89 -19.90
C LEU D 13 27.74 16.91 -19.41
N ASP D 14 27.51 17.47 -18.23
CA ASP D 14 26.13 17.56 -17.72
C ASP D 14 25.64 19.01 -17.61
N GLN D 15 26.16 19.86 -18.48
CA GLN D 15 25.70 21.24 -18.56
C GLN D 15 24.25 21.28 -18.98
N THR D 16 23.52 22.32 -18.53
CA THR D 16 22.13 22.49 -18.91
C THR D 16 21.93 23.26 -20.18
N ASN D 17 23.03 23.60 -20.85
CA ASN D 17 22.96 24.15 -22.17
C ASN D 17 24.15 23.80 -23.01
N LEU D 18 23.90 23.77 -24.31
CA LEU D 18 24.91 23.25 -25.27
C LEU D 18 26.09 24.19 -25.44
N THR D 19 25.84 25.52 -25.41
CA THR D 19 26.93 26.46 -25.63
C THR D 19 28.00 26.22 -24.57
N ASP D 20 27.59 26.06 -23.32
CA ASP D 20 28.54 25.86 -22.22
C ASP D 20 29.29 24.50 -22.35
N ALA D 21 28.54 23.46 -22.66
CA ALA D 21 29.14 22.13 -22.93
C ALA D 21 30.17 22.14 -24.04
N VAL D 22 29.82 22.76 -25.16
CA VAL D 22 30.76 22.90 -26.30
C VAL D 22 32.06 23.59 -25.92
N ALA D 23 31.98 24.61 -25.07
CA ALA D 23 33.17 25.38 -24.62
C ALA D 23 34.08 24.50 -23.74
N VAL D 24 33.46 23.69 -22.87
CA VAL D 24 34.18 22.79 -22.04
C VAL D 24 34.82 21.70 -22.91
N ALA D 25 34.05 21.08 -23.80
CA ALA D 25 34.59 20.02 -24.65
C ALA D 25 35.73 20.52 -25.55
N SER D 26 35.58 21.73 -26.11
CA SER D 26 36.67 22.31 -26.90
C SER D 26 37.98 22.41 -26.10
N ASN D 27 37.90 22.80 -24.83
CA ASN D 27 39.04 23.02 -24.02
C ASN D 27 39.71 21.71 -23.56
N VAL D 28 38.96 20.60 -23.41
CA VAL D 28 39.51 19.36 -22.82
C VAL D 28 39.77 18.23 -23.82
N ALA D 29 39.35 18.45 -25.04
CA ALA D 29 39.29 17.40 -26.02
C ALA D 29 40.63 16.76 -26.28
N SER D 30 41.70 17.55 -26.24
CA SER D 30 42.99 17.01 -26.63
C SER D 30 43.57 16.12 -25.51
N TYR D 31 43.00 16.20 -24.30
CA TYR D 31 43.49 15.37 -23.20
C TYR D 31 42.53 14.32 -22.65
N VAL D 32 41.38 14.13 -23.27
CA VAL D 32 40.43 13.10 -22.83
C VAL D 32 40.19 12.17 -24.01
N ASP D 33 39.87 10.92 -23.74
CA ASP D 33 39.63 9.95 -24.78
C ASP D 33 38.16 9.85 -25.20
N VAL D 34 37.27 10.17 -24.26
CA VAL D 34 35.87 9.88 -24.43
C VAL D 34 35.14 11.14 -23.97
N ILE D 35 34.19 11.60 -24.77
CA ILE D 35 33.32 12.73 -24.46
C ILE D 35 31.90 12.19 -24.35
N GLU D 36 31.25 12.52 -23.25
CA GLU D 36 29.95 12.01 -22.95
C GLU D 36 28.93 13.14 -22.88
N VAL D 37 27.84 12.98 -23.63
CA VAL D 37 26.66 13.82 -23.47
C VAL D 37 25.87 13.24 -22.31
N GLY D 38 25.93 13.91 -21.18
CA GLY D 38 25.28 13.44 -19.96
C GLY D 38 23.77 13.58 -20.09
N THR D 39 23.06 12.90 -19.23
CA THR D 39 21.60 12.88 -19.33
C THR D 39 20.99 14.27 -19.24
N ILE D 40 21.55 15.09 -18.36
CA ILE D 40 21.08 16.47 -18.20
C ILE D 40 21.23 17.27 -19.47
N LEU D 41 22.37 17.14 -20.16
CA LEU D 41 22.55 17.83 -21.43
C LEU D 41 21.59 17.32 -22.51
N ALA D 42 21.42 16.00 -22.56
CA ALA D 42 20.56 15.33 -23.54
C ALA D 42 19.12 15.74 -23.36
N PHE D 43 18.64 15.82 -22.11
CA PHE D 43 17.28 16.31 -21.90
C PHE D 43 17.19 17.80 -22.13
N ALA D 44 18.26 18.55 -21.83
CA ALA D 44 18.20 20.01 -22.10
C ALA D 44 18.06 20.34 -23.57
N GLU D 45 18.86 19.68 -24.42
CA GLU D 45 19.04 20.10 -25.80
C GLU D 45 18.59 19.07 -26.83
N GLY D 46 18.35 17.84 -26.40
CA GLY D 46 17.98 16.77 -27.32
C GLY D 46 19.17 16.28 -28.11
N MSE D 47 18.90 15.47 -29.12
CA MSE D 47 19.96 14.89 -29.96
C MSE D 47 20.88 15.89 -30.65
O MSE D 47 21.98 15.54 -31.05
CB MSE D 47 19.34 13.95 -31.00
CG MSE D 47 18.78 12.67 -30.34
SE MSE D 47 19.98 11.59 -29.29
CE MSE D 47 19.73 12.42 -27.50
N LYS D 48 20.44 17.14 -30.80
CA LYS D 48 21.32 18.16 -31.32
C LYS D 48 22.62 18.22 -30.53
N ALA D 49 22.59 17.96 -29.23
CA ALA D 49 23.87 17.98 -28.46
C ALA D 49 24.81 16.87 -28.95
N VAL D 50 24.24 15.71 -29.24
CA VAL D 50 25.07 14.59 -29.76
C VAL D 50 25.65 14.90 -31.15
N SER D 51 24.81 15.33 -32.09
CA SER D 51 25.26 15.65 -33.44
CA SER D 51 25.30 15.62 -33.44
C SER D 51 26.30 16.77 -33.42
N THR D 52 26.06 17.77 -32.56
CA THR D 52 26.95 18.91 -32.45
C THR D 52 28.33 18.44 -31.96
N LEU D 53 28.37 17.67 -30.89
CA LEU D 53 29.68 17.24 -30.36
C LEU D 53 30.36 16.22 -31.28
N ARG D 54 29.58 15.37 -31.95
CA ARG D 54 30.14 14.46 -32.92
C ARG D 54 30.95 15.20 -33.97
N HIS D 55 30.36 16.28 -34.46
CA HIS D 55 30.98 17.10 -35.51
C HIS D 55 32.23 17.81 -34.93
N ASN D 56 32.13 18.33 -33.72
CA ASN D 56 33.21 19.10 -33.12
C ASN D 56 34.39 18.25 -32.74
N HIS D 57 34.15 16.97 -32.45
CA HIS D 57 35.20 16.10 -31.94
C HIS D 57 35.16 14.78 -32.66
N PRO D 58 35.60 14.79 -33.93
CA PRO D 58 35.37 13.63 -34.76
C PRO D 58 36.19 12.38 -34.38
N ASN D 59 37.29 12.59 -33.68
CA ASN D 59 38.10 11.44 -33.34
C ASN D 59 37.72 10.78 -32.06
N HIS D 60 36.89 11.42 -31.25
CA HIS D 60 36.60 10.87 -29.92
C HIS D 60 35.57 9.78 -29.92
N ILE D 61 35.61 8.91 -28.90
CA ILE D 61 34.51 8.04 -28.59
C ILE D 61 33.48 8.95 -27.99
N LEU D 62 32.26 8.91 -28.53
CA LEU D 62 31.21 9.79 -28.09
C LEU D 62 30.13 8.96 -27.39
N VAL D 63 29.74 9.39 -26.21
CA VAL D 63 28.79 8.60 -25.45
C VAL D 63 27.49 9.40 -25.38
N CYS D 64 26.35 8.76 -25.56
CA CYS D 64 25.03 9.40 -25.24
C CYS D 64 24.45 8.71 -24.01
N ASP D 65 24.41 9.44 -22.89
CA ASP D 65 23.98 8.88 -21.60
C ASP D 65 22.49 9.01 -21.43
N MSE D 66 21.72 8.10 -21.99
CA MSE D 66 20.28 8.17 -21.87
C MSE D 66 19.69 7.37 -20.70
O MSE D 66 18.51 7.57 -20.38
CB MSE D 66 19.59 7.72 -23.14
CG MSE D 66 19.86 8.65 -24.33
SE MSE D 66 19.04 7.94 -25.96
CE MSE D 66 19.90 6.23 -26.13
N LYS D 67 20.48 6.45 -20.13
CA LYS D 67 19.99 5.55 -19.07
C LYS D 67 18.67 4.90 -19.53
N THR D 68 18.70 4.44 -20.78
CA THR D 68 17.53 3.94 -21.45
C THR D 68 16.83 2.89 -20.56
N THR D 69 15.55 3.09 -20.30
CA THR D 69 14.76 2.20 -19.46
C THR D 69 13.63 1.51 -20.24
N ASP D 70 13.11 2.20 -21.26
CA ASP D 70 12.03 1.75 -22.15
C ASP D 70 12.37 2.29 -23.54
N GLY D 71 11.65 1.80 -24.54
CA GLY D 71 11.68 2.35 -25.89
C GLY D 71 13.06 2.10 -26.53
N GLY D 72 13.65 0.98 -26.17
CA GLY D 72 15.07 0.70 -26.49
C GLY D 72 15.45 0.75 -27.96
N ALA D 73 14.75 0.03 -28.82
CA ALA D 73 15.10 0.05 -30.23
C ALA D 73 15.01 1.48 -30.84
N ILE D 74 14.00 2.25 -30.47
CA ILE D 74 13.83 3.60 -31.03
C ILE D 74 14.88 4.58 -30.45
N LEU D 75 15.04 4.58 -29.12
CA LEU D 75 16.06 5.44 -28.53
C LEU D 75 17.46 5.10 -28.96
N SER D 76 17.80 3.81 -28.99
CA SER D 76 19.13 3.40 -29.39
C SER D 76 19.43 3.87 -30.80
N ARG D 77 18.54 3.59 -31.71
CA ARG D 77 18.77 4.03 -33.13
C ARG D 77 18.92 5.58 -33.28
N MSE D 78 18.08 6.31 -32.60
CA MSE D 78 18.17 7.74 -32.62
C MSE D 78 19.54 8.23 -32.14
O MSE D 78 20.16 9.05 -32.79
CB MSE D 78 17.05 8.32 -31.74
CG MSE D 78 17.08 9.80 -31.49
SE MSE D 78 15.60 10.36 -30.22
CE MSE D 78 14.45 8.94 -30.72
N ALA D 79 20.04 7.69 -31.01
CA ALA D 79 21.32 8.11 -30.51
C ALA D 79 22.45 7.73 -31.44
N PHE D 80 22.39 6.52 -32.00
CA PHE D 80 23.42 6.11 -32.92
C PHE D 80 23.38 6.92 -34.21
N GLU D 81 22.20 7.20 -34.71
CA GLU D 81 22.09 8.02 -35.91
C GLU D 81 22.57 9.46 -35.72
N ALA D 82 22.39 10.03 -34.52
CA ALA D 82 22.96 11.34 -34.20
C ALA D 82 24.49 11.41 -34.10
N GLY D 83 25.12 10.26 -33.97
CA GLY D 83 26.55 10.16 -33.85
C GLY D 83 27.15 9.40 -32.70
N ALA D 84 26.37 8.97 -31.71
CA ALA D 84 26.98 8.29 -30.56
C ALA D 84 27.68 7.02 -31.00
N ASP D 85 28.78 6.73 -30.34
CA ASP D 85 29.50 5.45 -30.46
C ASP D 85 29.04 4.48 -29.37
N TRP D 86 28.77 5.02 -28.18
CA TRP D 86 28.34 4.21 -27.06
C TRP D 86 27.06 4.84 -26.53
N ILE D 87 26.14 4.00 -26.09
CA ILE D 87 24.94 4.51 -25.38
C ILE D 87 24.77 3.81 -24.06
N THR D 88 24.07 4.47 -23.15
CA THR D 88 23.87 3.89 -21.84
C THR D 88 22.42 3.41 -21.71
N VAL D 89 22.29 2.30 -20.97
CA VAL D 89 21.03 1.58 -20.78
C VAL D 89 20.91 1.34 -19.26
N SER D 90 19.76 1.62 -18.69
CA SER D 90 19.64 1.38 -17.24
C SER D 90 19.67 -0.10 -16.91
N ALA D 91 20.33 -0.47 -15.82
CA ALA D 91 20.21 -1.81 -15.26
C ALA D 91 18.75 -2.21 -14.94
N ALA D 92 17.86 -1.23 -14.72
CA ALA D 92 16.45 -1.50 -14.48
C ALA D 92 15.63 -1.75 -15.74
N ALA D 93 16.19 -1.48 -16.93
CA ALA D 93 15.53 -1.87 -18.18
C ALA D 93 15.20 -3.38 -18.17
N HIS D 94 14.02 -3.73 -18.68
CA HIS D 94 13.67 -5.13 -18.84
C HIS D 94 14.71 -5.77 -19.76
N ILE D 95 15.05 -7.02 -19.48
CA ILE D 95 16.07 -7.67 -20.28
C ILE D 95 15.71 -7.68 -21.77
N ALA D 96 14.43 -7.65 -22.12
CA ALA D 96 14.03 -7.59 -23.52
C ALA D 96 14.36 -6.25 -24.15
N THR D 97 14.18 -5.17 -23.40
CA THR D 97 14.60 -3.79 -23.81
C THR D 97 16.13 -3.75 -24.00
N ILE D 98 16.88 -4.36 -23.08
CA ILE D 98 18.32 -4.36 -23.17
C ILE D 98 18.76 -5.10 -24.42
N ALA D 99 18.11 -6.24 -24.66
CA ALA D 99 18.38 -6.98 -25.89
C ALA D 99 18.07 -6.20 -27.20
N ALA D 100 16.95 -5.47 -27.23
CA ALA D 100 16.59 -4.58 -28.35
C ALA D 100 17.64 -3.47 -28.64
N CYS D 101 18.12 -2.82 -27.58
CA CYS D 101 19.23 -1.91 -27.67
C CYS D 101 20.46 -2.59 -28.26
N LYS D 102 20.80 -3.77 -27.75
CA LYS D 102 22.00 -4.47 -28.17
C LYS D 102 21.94 -4.83 -29.66
N LYS D 103 20.75 -5.20 -30.12
CA LYS D 103 20.52 -5.60 -31.52
C LYS D 103 20.72 -4.43 -32.47
N VAL D 104 20.16 -3.28 -32.12
CA VAL D 104 20.41 -2.00 -32.85
C VAL D 104 21.89 -1.62 -32.82
N ALA D 105 22.52 -1.71 -31.65
CA ALA D 105 23.96 -1.41 -31.51
C ALA D 105 24.83 -2.27 -32.43
N ASP D 106 24.53 -3.57 -32.43
CA ASP D 106 25.24 -4.52 -33.31
C ASP D 106 25.07 -4.17 -34.78
N GLU D 107 23.86 -3.80 -35.17
CA GLU D 107 23.59 -3.37 -36.54
C GLU D 107 24.35 -2.10 -36.92
N LEU D 108 24.39 -1.12 -36.01
CA LEU D 108 24.98 0.17 -36.32
C LEU D 108 26.42 0.31 -35.83
N ASN D 109 27.05 -0.81 -35.49
CA ASN D 109 28.42 -0.80 -34.94
C ASN D 109 28.64 0.16 -33.77
N GLY D 110 27.67 0.15 -32.86
CA GLY D 110 27.81 0.85 -31.56
C GLY D 110 28.03 -0.12 -30.42
N GLU D 111 28.19 0.39 -29.20
CA GLU D 111 28.26 -0.45 -28.01
C GLU D 111 27.22 0.04 -27.00
N ILE D 112 26.82 -0.88 -26.14
CA ILE D 112 25.87 -0.61 -25.06
C ILE D 112 26.68 -0.67 -23.78
N GLN D 113 26.34 0.24 -22.85
CA GLN D 113 26.96 0.23 -21.55
C GLN D 113 25.77 0.19 -20.57
N ILE D 114 25.87 -0.61 -19.51
CA ILE D 114 24.77 -0.66 -18.52
C ILE D 114 25.12 0.26 -17.36
N GLU D 115 24.21 1.20 -17.10
CA GLU D 115 24.29 2.11 -15.96
C GLU D 115 23.76 1.40 -14.72
N ILE D 116 24.62 1.13 -13.76
CA ILE D 116 24.22 0.28 -12.64
C ILE D 116 23.50 1.16 -11.59
N TYR D 117 22.20 0.96 -11.52
CA TYR D 117 21.26 1.59 -10.54
C TYR D 117 20.23 0.57 -10.10
N GLY D 118 19.59 0.88 -8.99
CA GLY D 118 18.48 0.09 -8.48
C GLY D 118 18.91 -1.14 -7.72
N ASN D 119 17.96 -2.07 -7.58
CA ASN D 119 18.20 -3.27 -6.83
C ASN D 119 18.77 -4.39 -7.72
N TRP D 120 19.92 -4.11 -8.31
CA TRP D 120 20.51 -4.93 -9.34
C TRP D 120 21.18 -6.12 -8.69
N THR D 121 21.32 -7.22 -9.43
CA THR D 121 21.94 -8.43 -8.87
C THR D 121 23.06 -8.94 -9.73
N MSE D 122 23.84 -9.87 -9.21
CA MSE D 122 24.89 -10.48 -10.02
C MSE D 122 24.24 -11.34 -11.11
O MSE D 122 24.82 -11.51 -12.14
CB MSE D 122 25.86 -11.31 -9.16
CG MSE D 122 26.69 -10.45 -8.20
SE MSE D 122 27.93 -9.31 -9.13
CE MSE D 122 28.27 -8.05 -7.60
N GLN D 123 23.05 -11.89 -10.86
CA GLN D 123 22.35 -12.67 -11.90
C GLN D 123 21.94 -11.74 -13.07
N ASP D 124 21.58 -10.51 -12.72
CA ASP D 124 21.31 -9.53 -13.77
C ASP D 124 22.60 -9.28 -14.58
N ALA D 125 23.73 -9.17 -13.89
CA ALA D 125 24.97 -8.84 -14.55
C ALA D 125 25.37 -9.99 -15.47
N LYS D 126 25.18 -11.21 -14.99
CA LYS D 126 25.39 -12.40 -15.85
C LYS D 126 24.51 -12.39 -17.11
N ALA D 127 23.28 -11.89 -17.01
CA ALA D 127 22.39 -11.78 -18.14
C ALA D 127 22.91 -10.77 -19.17
N TRP D 128 23.49 -9.64 -18.72
CA TRP D 128 24.06 -8.66 -19.64
C TRP D 128 25.22 -9.31 -20.37
N VAL D 129 26.04 -10.04 -19.65
CA VAL D 129 27.21 -10.64 -20.26
C VAL D 129 26.77 -11.69 -21.28
N ASP D 130 25.68 -12.40 -20.99
CA ASP D 130 25.09 -13.44 -21.87
CA ASP D 130 25.19 -13.44 -21.91
C ASP D 130 24.61 -12.83 -23.18
N LEU D 131 24.14 -11.57 -23.11
CA LEU D 131 23.80 -10.83 -24.32
C LEU D 131 25.02 -10.26 -25.06
N GLY D 132 26.24 -10.48 -24.57
CA GLY D 132 27.44 -9.94 -25.18
C GLY D 132 27.79 -8.53 -24.72
N ILE D 133 27.11 -8.03 -23.69
CA ILE D 133 27.34 -6.67 -23.20
C ILE D 133 28.32 -6.78 -22.03
N THR D 134 29.50 -6.22 -22.19
CA THR D 134 30.50 -6.34 -21.18
C THR D 134 30.87 -4.99 -20.56
N GLN D 135 30.21 -3.92 -20.95
CA GLN D 135 30.53 -2.64 -20.35
C GLN D 135 29.42 -2.26 -19.34
N ALA D 136 29.83 -1.72 -18.23
CA ALA D 136 28.91 -1.15 -17.23
C ALA D 136 29.56 0.00 -16.48
N ILE D 137 28.72 0.92 -16.04
CA ILE D 137 29.14 2.14 -15.35
C ILE D 137 28.78 1.94 -13.87
N TYR D 138 29.81 1.92 -13.02
CA TYR D 138 29.68 1.68 -11.59
C TYR D 138 29.95 2.99 -10.90
N HIS D 139 28.92 3.50 -10.22
CA HIS D 139 28.96 4.75 -9.47
C HIS D 139 29.27 4.46 -8.02
N ARG D 140 30.13 5.28 -7.45
CA ARG D 140 30.29 5.24 -6.00
C ARG D 140 28.93 5.23 -5.29
N SER D 141 28.73 4.30 -4.38
CA SER D 141 27.51 4.17 -3.63
C SER D 141 26.98 5.53 -3.15
N ARG D 142 25.72 5.83 -3.42
CA ARG D 142 25.16 7.10 -3.07
C ARG D 142 25.10 7.27 -1.55
N ASP D 143 24.80 6.20 -0.80
CA ASP D 143 24.78 6.31 0.67
C ASP D 143 26.17 6.75 1.15
N ALA D 144 27.21 6.14 0.55
CA ALA D 144 28.61 6.49 0.88
C ALA D 144 28.90 7.95 0.54
N GLU D 145 28.45 8.40 -0.62
CA GLU D 145 28.67 9.77 -1.04
C GLU D 145 27.98 10.75 -0.10
N LEU D 146 26.74 10.43 0.29
CA LEU D 146 25.94 11.29 1.14
C LEU D 146 26.60 11.43 2.51
N ALA D 147 27.20 10.35 3.01
CA ALA D 147 27.84 10.37 4.32
C ALA D 147 29.25 10.96 4.26
N GLY D 148 29.80 11.16 3.06
CA GLY D 148 31.17 11.70 2.95
C GLY D 148 32.23 10.67 3.25
N ILE D 149 31.93 9.40 3.02
CA ILE D 149 32.90 8.36 3.41
C ILE D 149 33.73 7.81 2.25
N GLY D 150 33.55 8.31 1.03
CA GLY D 150 34.49 7.88 -0.05
C GLY D 150 34.17 6.49 -0.58
N TRP D 151 35.21 5.75 -1.01
CA TRP D 151 35.06 4.43 -1.62
C TRP D 151 35.17 3.36 -0.54
N THR D 152 34.09 2.59 -0.34
CA THR D 152 34.00 1.62 0.75
C THR D 152 34.53 0.27 0.28
N THR D 153 34.91 -0.59 1.21
CA THR D 153 35.31 -1.95 0.85
C THR D 153 34.23 -2.71 0.08
N ASP D 154 32.99 -2.52 0.45
CA ASP D 154 31.89 -3.18 -0.22
C ASP D 154 31.79 -2.80 -1.71
N ASP D 155 31.97 -1.52 -2.06
CA ASP D 155 31.97 -1.09 -3.47
C ASP D 155 33.12 -1.77 -4.23
N LEU D 156 34.31 -1.75 -3.64
CA LEU D 156 35.45 -2.33 -4.33
C LEU D 156 35.20 -3.83 -4.54
N ASP D 157 34.66 -4.51 -3.52
N ASP D 157 34.64 -4.48 -3.52
CA ASP D 157 34.43 -5.96 -3.60
CA ASP D 157 34.38 -5.92 -3.59
C ASP D 157 33.38 -6.28 -4.69
C ASP D 157 33.39 -6.25 -4.70
N LYS D 158 32.30 -5.50 -4.76
CA LYS D 158 31.29 -5.67 -5.81
C LYS D 158 31.92 -5.45 -7.19
N MSE D 159 32.81 -4.47 -7.30
CA MSE D 159 33.46 -4.17 -8.57
C MSE D 159 34.36 -5.32 -8.97
O MSE D 159 34.39 -5.67 -10.12
CB MSE D 159 34.20 -2.83 -8.51
CG MSE D 159 33.23 -1.69 -8.14
SE MSE D 159 34.25 -0.13 -7.44
CE MSE D 159 34.30 0.23 -9.23
N ARG D 160 35.05 -5.91 -8.01
CA ARG D 160 35.92 -7.06 -8.32
C ARG D 160 35.09 -8.23 -8.79
N GLN D 161 33.93 -8.42 -8.17
CA GLN D 161 32.99 -9.47 -8.61
C GLN D 161 32.48 -9.28 -10.04
N LEU D 162 32.14 -8.06 -10.42
CA LEU D 162 31.69 -7.75 -11.74
C LEU D 162 32.81 -7.99 -12.73
N SER D 163 34.01 -7.58 -12.37
CA SER D 163 35.17 -7.77 -13.22
C SER D 163 35.39 -9.27 -13.47
N ALA D 164 35.18 -10.09 -12.44
CA ALA D 164 35.35 -11.54 -12.59
C ALA D 164 34.25 -12.18 -13.47
N LEU D 165 33.11 -11.53 -13.65
CA LEU D 165 32.09 -11.97 -14.63
C LEU D 165 32.46 -11.62 -16.06
N GLY D 166 33.44 -10.74 -16.22
CA GLY D 166 33.82 -10.24 -17.53
C GLY D 166 33.24 -8.88 -17.90
N ILE D 167 32.78 -8.13 -16.91
CA ILE D 167 32.35 -6.74 -17.15
C ILE D 167 33.56 -5.83 -17.07
N GLU D 168 33.68 -4.92 -18.01
CA GLU D 168 34.72 -3.92 -17.99
C GLU D 168 34.04 -2.65 -17.51
N LEU D 169 34.45 -2.17 -16.34
CA LEU D 169 33.80 -1.07 -15.67
C LEU D 169 34.31 0.28 -16.08
N SER D 170 33.37 1.21 -16.13
CA SER D 170 33.66 2.62 -16.17
C SER D 170 33.37 3.14 -14.78
N ILE D 171 34.37 3.74 -14.16
CA ILE D 171 34.28 4.06 -12.74
C ILE D 171 34.03 5.56 -12.55
N THR D 172 33.04 5.91 -11.73
CA THR D 172 32.74 7.33 -11.52
C THR D 172 32.20 7.61 -10.11
N GLY D 173 32.35 8.87 -9.67
CA GLY D 173 31.87 9.32 -8.36
C GLY D 173 33.03 9.93 -7.62
N GLY D 174 33.29 11.21 -7.88
CA GLY D 174 34.38 11.92 -7.21
C GLY D 174 35.77 11.40 -7.50
N ILE D 175 36.01 10.96 -8.72
CA ILE D 175 37.29 10.33 -9.05
C ILE D 175 38.36 11.41 -9.00
N VAL D 176 39.40 11.17 -8.22
CA VAL D 176 40.56 12.04 -8.17
C VAL D 176 41.83 11.17 -8.20
N PRO D 177 42.95 11.72 -8.70
CA PRO D 177 44.18 10.95 -8.84
C PRO D 177 44.63 10.19 -7.57
N GLU D 178 44.49 10.84 -6.42
CA GLU D 178 44.81 10.23 -5.11
C GLU D 178 44.10 8.87 -4.82
N ASP D 179 42.93 8.68 -5.42
CA ASP D 179 42.12 7.44 -5.25
C ASP D 179 42.30 6.32 -6.28
N ILE D 180 43.00 6.61 -7.36
CA ILE D 180 43.14 5.65 -8.45
C ILE D 180 43.73 4.32 -7.97
N TYR D 181 44.65 4.36 -7.01
CA TYR D 181 45.30 3.16 -6.50
C TYR D 181 44.28 2.14 -5.97
N LEU D 182 43.14 2.64 -5.47
CA LEU D 182 42.09 1.79 -4.90
C LEU D 182 41.58 0.75 -5.89
N PHE D 183 41.65 1.07 -7.17
CA PHE D 183 41.00 0.24 -8.22
C PHE D 183 41.93 -0.75 -8.89
N GLU D 184 43.17 -0.80 -8.42
CA GLU D 184 44.10 -1.78 -8.98
C GLU D 184 43.48 -3.18 -9.04
N GLY D 185 43.64 -3.84 -10.17
CA GLY D 185 43.14 -5.20 -10.34
C GLY D 185 41.68 -5.29 -10.82
N ILE D 186 40.98 -4.15 -10.89
CA ILE D 186 39.61 -4.15 -11.45
C ILE D 186 39.71 -3.87 -12.96
N LYS D 187 39.02 -4.68 -13.77
CA LYS D 187 38.98 -4.51 -15.24
C LYS D 187 38.31 -3.16 -15.46
N THR D 188 39.07 -2.19 -15.91
CA THR D 188 38.58 -0.82 -15.96
C THR D 188 38.72 -0.29 -17.39
N LYS D 189 37.59 0.06 -18.00
CA LYS D 189 37.52 0.60 -19.32
C LYS D 189 37.83 2.11 -19.33
N THR D 190 37.18 2.85 -18.44
CA THR D 190 37.41 4.28 -18.34
C THR D 190 37.22 4.72 -16.91
N PHE D 191 37.78 5.89 -16.62
CA PHE D 191 37.42 6.64 -15.42
C PHE D 191 36.67 7.87 -15.92
N ILE D 192 35.60 8.25 -15.23
CA ILE D 192 34.72 9.33 -15.70
C ILE D 192 34.79 10.42 -14.67
N ALA D 193 35.08 11.63 -15.11
CA ALA D 193 34.89 12.80 -14.24
C ALA D 193 34.16 13.92 -14.99
N GLY D 194 33.77 14.95 -14.25
CA GLY D 194 32.99 16.05 -14.79
C GLY D 194 33.74 17.34 -14.57
N ARG D 195 33.27 18.10 -13.56
CA ARG D 195 33.80 19.43 -13.29
C ARG D 195 35.31 19.42 -13.02
N ALA D 196 35.85 18.37 -12.38
CA ALA D 196 37.29 18.27 -12.16
C ALA D 196 38.13 18.44 -13.43
N LEU D 197 37.54 18.16 -14.58
CA LEU D 197 38.21 18.28 -15.88
C LEU D 197 37.86 19.60 -16.60
N ALA D 198 36.79 20.27 -16.20
CA ALA D 198 36.47 21.61 -16.72
C ALA D 198 37.50 22.67 -16.22
N GLY D 199 37.60 23.81 -16.90
CA GLY D 199 38.42 24.94 -16.42
C GLY D 199 39.95 24.81 -16.38
N ALA D 200 40.58 25.82 -15.77
CA ALA D 200 42.03 25.98 -15.91
C ALA D 200 42.88 24.79 -15.47
N GLU D 201 42.46 24.08 -14.42
CA GLU D 201 43.27 23.02 -13.87
C GLU D 201 42.95 21.64 -14.51
N GLY D 202 42.06 21.63 -15.50
CA GLY D 202 41.66 20.40 -16.20
C GLY D 202 42.83 19.61 -16.75
N GLN D 203 43.64 20.25 -17.58
CA GLN D 203 44.67 19.50 -18.27
C GLN D 203 45.63 18.88 -17.28
N GLN D 204 45.98 19.64 -16.24
CA GLN D 204 46.88 19.11 -15.25
C GLN D 204 46.19 17.97 -14.48
N THR D 205 44.87 18.10 -14.27
CA THR D 205 44.11 17.06 -13.59
C THR D 205 44.08 15.79 -14.42
N ALA D 206 43.77 15.90 -15.70
CA ALA D 206 43.95 14.77 -16.64
C ALA D 206 45.35 14.11 -16.59
N ALA D 207 46.43 14.93 -16.56
CA ALA D 207 47.78 14.36 -16.59
C ALA D 207 48.07 13.59 -15.29
N ALA D 208 47.63 14.14 -14.17
CA ALA D 208 47.76 13.52 -12.86
C ALA D 208 47.03 12.17 -12.79
N LEU D 209 45.82 12.14 -13.32
CA LEU D 209 45.04 10.89 -13.45
C LEU D 209 45.82 9.83 -14.26
N ARG D 210 46.27 10.19 -15.47
CA ARG D 210 47.10 9.28 -16.31
C ARG D 210 48.34 8.73 -15.61
N GLU D 211 49.03 9.57 -14.85
CA GLU D 211 50.22 9.14 -14.13
C GLU D 211 49.89 8.04 -13.17
N GLN D 212 48.81 8.23 -12.40
CA GLN D 212 48.33 7.18 -11.51
C GLN D 212 47.87 5.96 -12.31
N ILE D 213 47.12 6.18 -13.39
CA ILE D 213 46.67 5.07 -14.25
C ILE D 213 47.91 4.26 -14.72
N ASP D 214 48.96 4.97 -15.09
CA ASP D 214 50.17 4.32 -15.61
C ASP D 214 50.88 3.47 -14.57
N ARG D 215 50.75 3.82 -13.28
CA ARG D 215 51.38 3.02 -12.22
C ARG D 215 50.68 1.70 -12.02
N PHE D 216 49.37 1.64 -12.30
CA PHE D 216 48.61 0.50 -11.89
C PHE D 216 48.10 -0.40 -13.00
N TRP D 217 48.15 0.07 -14.24
CA TRP D 217 47.69 -0.75 -15.36
C TRP D 217 48.81 -0.95 -16.40
C1 EDO E . -14.06 -14.83 31.02
O1 EDO E . -13.56 -14.72 29.69
C2 EDO E . -14.15 -13.45 31.71
O2 EDO E . -12.84 -12.85 31.64
C1 GOL F . -27.75 -13.07 25.54
O1 GOL F . -28.98 -13.45 25.01
C2 GOL F . -26.86 -12.88 24.33
O2 GOL F . -26.14 -11.69 24.58
C3 GOL F . -26.17 -14.21 24.04
O3 GOL F . -25.03 -14.57 24.82
C1 GOL G . -25.39 -16.19 37.82
O1 GOL G . -24.01 -16.05 37.57
C2 GOL G . -25.95 -16.24 36.42
O2 GOL G . -24.84 -16.76 35.77
C3 GOL G . -27.18 -17.13 36.33
O3 GOL G . -27.73 -17.12 35.01
C1 GOL H . -7.70 -28.26 9.98
O1 GOL H . -7.49 -27.15 9.15
C2 GOL H . -7.63 -29.49 9.10
O2 GOL H . -6.28 -29.58 8.59
C3 GOL H . -8.72 -29.33 8.05
O3 GOL H . -8.15 -29.20 6.77
C1 EDO I . 2.79 -28.39 7.25
O1 EDO I . 1.94 -29.53 7.26
C2 EDO I . 3.20 -28.18 8.70
O2 EDO I . 3.13 -29.41 9.39
S SO4 J . -27.12 -11.43 12.00
O1 SO4 J . -28.10 -12.28 12.67
O2 SO4 J . -26.19 -10.94 12.93
O3 SO4 J . -26.60 -12.20 10.86
O4 SO4 J . -27.89 -10.28 11.62
S SO4 K . -0.88 -13.83 26.82
O1 SO4 K . -2.04 -13.76 27.72
O2 SO4 K . 0.03 -12.86 27.41
O3 SO4 K . -0.22 -15.13 26.66
O4 SO4 K . -1.23 -13.36 25.50
MG MG L . -8.16 -14.52 20.34
MG MG M . -2.89 -34.92 41.75
S SO4 N . -6.46 -3.20 26.39
O1 SO4 N . -6.83 -2.42 27.61
O2 SO4 N . -5.64 -2.38 25.50
O3 SO4 N . -5.67 -4.34 26.73
O4 SO4 N . -7.74 -3.65 25.80
S SO4 O . -30.54 -0.31 8.27
O1 SO4 O . -31.10 -0.84 9.55
O2 SO4 O . -30.88 1.11 8.13
O3 SO4 O . -29.10 -0.52 8.19
O4 SO4 O . -31.07 -1.01 7.12
MG MG P . -21.74 0.31 12.61
MG MG Q . -4.77 12.11 -3.80
C1 EDO R . 13.75 3.01 -4.15
O1 EDO R . 12.95 3.21 -5.34
C2 EDO R . 15.17 3.56 -4.29
O2 EDO R . 15.96 2.93 -5.35
C1 EDO S . -23.28 -2.29 -16.95
O1 EDO S . -22.15 -1.47 -16.66
C2 EDO S . -22.94 -3.65 -16.37
O2 EDO S . -21.69 -3.57 -15.68
S SO4 T . 20.22 14.03 -7.21
O1 SO4 T . 19.64 13.80 -5.90
O2 SO4 T . 21.67 13.93 -7.11
O3 SO4 T . 19.71 13.04 -8.12
O4 SO4 T . 19.76 15.41 -7.56
S SO4 U . 0.69 1.87 -26.80
O1 SO4 U . 1.17 0.93 -25.79
O2 SO4 U . 1.74 2.77 -27.10
O3 SO4 U . 0.38 1.09 -27.97
O4 SO4 U . -0.51 2.60 -26.42
S SO4 V . 12.46 12.27 -37.87
O1 SO4 V . 11.61 12.55 -36.70
O2 SO4 V . 13.17 13.48 -38.25
O3 SO4 V . 13.37 11.18 -37.57
O4 SO4 V . 11.59 11.86 -38.98
MG MG W . 5.18 -0.40 -24.59
MG MG X . 5.56 7.54 -20.51
C1 GOL Y . 26.44 0.90 -6.07
O1 GOL Y . 25.72 1.32 -4.94
C2 GOL Y . 25.84 1.59 -7.28
O2 GOL Y . 26.01 3.01 -7.10
C3 GOL Y . 26.62 1.02 -8.44
O3 GOL Y . 26.67 1.83 -9.59
C1 GOL Z . 9.61 -0.61 -24.76
O1 GOL Z . 10.08 -0.34 -23.42
C2 GOL Z . 10.33 -1.77 -25.28
O2 GOL Z . 10.14 -2.62 -24.17
C3 GOL Z . 11.84 -1.60 -25.65
O3 GOL Z . 12.18 -1.76 -27.06
C1 EDO AA . 16.84 -6.81 -15.45
O1 EDO AA . 15.98 -5.71 -15.78
C2 EDO AA . 18.05 -6.80 -16.37
O2 EDO AA . 19.08 -5.96 -15.84
S SO4 BA . 32.05 13.81 -10.36
O1 SO4 BA . 31.29 12.65 -9.88
O2 SO4 BA . 32.84 14.23 -9.22
O3 SO4 BA . 32.93 13.44 -11.45
O4 SO4 BA . 31.17 14.86 -10.84
MG MG CA . 26.85 9.64 -17.36
#